data_2A5Z
#
_entry.id   2A5Z
#
_cell.length_a   58.590
_cell.length_b   53.076
_cell.length_c   112.652
_cell.angle_alpha   90.00
_cell.angle_beta   95.66
_cell.angle_gamma   90.00
#
_symmetry.space_group_name_H-M   'P 1 21 1'
#
loop_
_entity.id
_entity.type
_entity.pdbx_description
1 polymer 'hypothetical protein SO2946'
2 non-polymer 'MAGNESIUM ION'
3 water water
#
_entity_poly.entity_id   1
_entity_poly.type   'polypeptide(L)'
_entity_poly.pdbx_seq_one_letter_code
;MGGSFGKKGASSATAAQVPLATETTPGL(MSE)SPSEKLKLSTLTTSIATSDFYASYDF(MSE)(MSE)HSIGLTSANNI
SLLSTGNISLQNILSEGNHFGVQPIVSSTTANASFLAG(MSE)L(MSE)AIFPKESELEVTVYFKTPSAFNPAQLTVIGS
TSIGLGISDRSGLIIENGNAFGGIVKASAATETGSTYALSTSTWYICKFK(MSE)LTDDRFKVTLYSDSGTQLYSYTSTA
A(MSE)FRADNATAHIGFKTQCKTATAGISLISIDLIEFKAKVSATRAKV
;
_entity_poly.pdbx_strand_id   A,B,C
#
# COMPACT_ATOMS: atom_id res chain seq x y z
N THR A 24 14.94 -12.99 22.24
CA THR A 24 15.56 -14.27 21.78
C THR A 24 14.89 -15.50 22.38
N THR A 25 14.08 -15.30 23.43
CA THR A 25 13.39 -16.39 24.11
C THR A 25 11.86 -16.26 23.95
N PRO A 26 11.17 -17.40 23.70
CA PRO A 26 9.71 -17.36 23.61
C PRO A 26 9.08 -16.93 24.93
N GLY A 27 8.07 -16.06 24.86
CA GLY A 27 7.43 -15.55 26.07
C GLY A 27 6.00 -15.10 25.87
N LEU A 28 5.51 -14.33 26.82
CA LEU A 28 4.14 -13.79 26.78
C LEU A 28 4.03 -12.68 25.75
N SER A 30 2.78 -8.96 24.86
CA SER A 30 2.53 -7.66 25.46
C SER A 30 1.18 -7.07 25.05
N PRO A 31 0.54 -6.29 25.95
CA PRO A 31 -0.75 -5.65 25.64
C PRO A 31 -0.69 -4.68 24.46
N SER A 32 0.48 -4.09 24.23
CA SER A 32 0.68 -3.18 23.09
C SER A 32 0.84 -3.98 21.80
N GLU A 33 1.52 -5.13 21.90
CA GLU A 33 1.68 -6.06 20.80
C GLU A 33 0.33 -6.63 20.36
N LYS A 34 -0.51 -6.97 21.32
CA LYS A 34 -1.87 -7.44 21.02
C LYS A 34 -2.74 -6.30 20.46
N LEU A 35 -2.44 -5.07 20.87
CA LEU A 35 -3.14 -3.89 20.35
C LEU A 35 -2.74 -3.60 18.91
N LYS A 36 -1.45 -3.79 18.60
CA LYS A 36 -0.93 -3.73 17.24
C LYS A 36 -1.59 -4.75 16.31
N LEU A 37 -1.69 -5.99 16.79
CA LEU A 37 -2.32 -7.06 16.01
C LEU A 37 -3.80 -6.82 15.79
N SER A 38 -4.46 -6.19 16.76
CA SER A 38 -5.90 -5.91 16.70
C SER A 38 -6.27 -4.95 15.57
N THR A 39 -5.34 -4.08 15.19
CA THR A 39 -5.59 -3.12 14.11
C THR A 39 -4.74 -3.36 12.86
N LEU A 40 -4.23 -4.58 12.71
CA LEU A 40 -3.52 -5.00 11.50
C LEU A 40 -4.48 -5.03 10.31
N THR A 41 -4.07 -4.38 9.24
CA THR A 41 -4.81 -4.37 7.98
C THR A 41 -4.80 -5.77 7.39
N THR A 42 -5.99 -6.29 7.09
CA THR A 42 -6.15 -7.65 6.58
C THR A 42 -5.37 -7.87 5.26
N SER A 43 -4.55 -8.92 5.21
CA SER A 43 -3.93 -9.34 3.95
C SER A 43 -4.73 -10.53 3.40
N ILE A 44 -4.54 -11.72 3.96
CA ILE A 44 -5.38 -12.87 3.66
C ILE A 44 -6.46 -12.97 4.72
N ALA A 45 -7.73 -12.92 4.30
CA ALA A 45 -8.83 -12.99 5.24
C ALA A 45 -9.08 -14.42 5.69
N THR A 46 -9.42 -14.59 6.96
CA THR A 46 -9.91 -15.87 7.46
C THR A 46 -11.27 -15.69 8.12
N SER A 47 -11.30 -15.09 9.33
CA SER A 47 -12.53 -14.96 10.11
C SER A 47 -13.08 -13.53 10.11
N ASP A 48 -12.20 -12.55 9.93
CA ASP A 48 -12.62 -11.15 10.01
C ASP A 48 -11.90 -10.30 8.99
N PHE A 49 -12.37 -9.07 8.85
CA PHE A 49 -11.70 -8.07 8.05
C PHE A 49 -11.44 -6.82 8.89
N TYR A 50 -10.25 -6.24 8.70
CA TYR A 50 -9.94 -4.93 9.27
C TYR A 50 -9.10 -4.08 8.31
N ALA A 51 -9.45 -2.80 8.25
CA ALA A 51 -8.66 -1.80 7.53
C ALA A 51 -8.88 -0.44 8.16
N SER A 52 -7.81 0.36 8.17
CA SER A 52 -7.86 1.69 8.74
C SER A 52 -6.88 2.56 7.98
N TYR A 53 -7.20 3.85 7.92
CA TYR A 53 -6.29 4.84 7.34
C TYR A 53 -6.38 6.15 8.12
N ASP A 54 -5.22 6.64 8.55
CA ASP A 54 -5.10 7.80 9.45
C ASP A 54 -4.64 9.09 8.72
N PHE A 55 -4.59 9.07 7.39
CA PHE A 55 -4.35 10.28 6.59
C PHE A 55 -3.06 11.05 6.93
N HIS A 58 1.52 11.78 2.09
CA HIS A 58 1.53 12.75 0.99
C HIS A 58 0.45 12.31 0.01
N SER A 59 -0.45 13.23 -0.35
CA SER A 59 -1.70 12.84 -1.02
C SER A 59 -1.74 13.07 -2.54
N ILE A 60 -0.67 13.61 -3.12
CA ILE A 60 -0.60 13.75 -4.58
C ILE A 60 -0.52 12.36 -5.20
N GLY A 61 -1.52 12.03 -6.03
CA GLY A 61 -1.56 10.75 -6.73
C GLY A 61 -1.80 9.54 -5.83
N LEU A 62 -2.31 9.80 -4.62
CA LEU A 62 -2.61 8.73 -3.66
C LEU A 62 -4.06 8.30 -3.82
N THR A 63 -4.25 7.13 -4.43
CA THR A 63 -5.60 6.68 -4.76
C THR A 63 -6.09 5.53 -3.86
N SER A 64 -5.20 5.04 -2.99
CA SER A 64 -5.59 4.04 -2.00
C SER A 64 -4.53 3.87 -0.90
N ALA A 65 -4.97 3.36 0.25
CA ALA A 65 -4.07 3.03 1.35
C ALA A 65 -4.74 1.98 2.23
N ASN A 66 -3.99 0.94 2.58
CA ASN A 66 -4.46 -0.06 3.55
C ASN A 66 -5.82 -0.65 3.15
N ASN A 67 -5.94 -1.03 1.87
CA ASN A 67 -7.19 -1.58 1.27
C ASN A 67 -8.29 -0.56 0.91
N ILE A 68 -8.17 0.67 1.41
CA ILE A 68 -9.22 1.68 1.30
C ILE A 68 -9.00 2.58 0.07
N SER A 69 -10.07 2.79 -0.70
CA SER A 69 -10.03 3.68 -1.87
C SER A 69 -10.02 5.13 -1.41
N LEU A 70 -9.19 5.95 -2.05
CA LEU A 70 -9.08 7.38 -1.76
C LEU A 70 -9.30 8.13 -3.06
N LEU A 71 -10.56 8.45 -3.31
CA LEU A 71 -11.01 8.82 -4.64
C LEU A 71 -11.34 10.30 -4.73
N SER A 72 -10.62 10.99 -5.60
CA SER A 72 -10.86 12.38 -5.91
C SER A 72 -11.57 12.46 -7.25
N THR A 73 -12.59 13.32 -7.33
CA THR A 73 -13.26 13.58 -8.61
C THR A 73 -13.56 15.07 -8.74
N GLY A 74 -13.81 15.52 -9.96
CA GLY A 74 -14.20 16.90 -10.22
C GLY A 74 -13.14 17.93 -9.87
N ASN A 75 -11.88 17.49 -9.92
CA ASN A 75 -10.73 18.32 -9.56
C ASN A 75 -10.77 18.86 -8.11
N ILE A 76 -11.32 18.06 -7.19
CA ILE A 76 -11.42 18.42 -5.77
C ILE A 76 -10.05 18.86 -5.23
N SER A 77 -10.06 19.83 -4.32
CA SER A 77 -8.82 20.39 -3.81
C SER A 77 -8.43 19.80 -2.45
N LEU A 78 -7.51 18.85 -2.48
CA LEU A 78 -6.96 18.27 -1.25
C LEU A 78 -5.89 19.19 -0.69
N GLN A 79 -6.17 19.75 0.48
CA GLN A 79 -5.23 20.69 1.12
C GLN A 79 -4.08 19.94 1.78
N ASN A 80 -3.11 20.69 2.30
CA ASN A 80 -1.97 20.10 2.97
C ASN A 80 -2.38 19.27 4.16
N ILE A 81 -1.72 18.13 4.33
CA ILE A 81 -1.91 17.30 5.51
C ILE A 81 -1.45 18.09 6.74
N LEU A 82 -2.21 17.97 7.82
CA LEU A 82 -1.82 18.53 9.12
C LEU A 82 -2.22 17.61 10.27
N SER A 83 -1.74 17.94 11.46
CA SER A 83 -2.22 17.32 12.69
C SER A 83 -2.73 18.41 13.64
N GLU A 84 -3.60 18.02 14.57
CA GLU A 84 -4.33 18.95 15.42
C GLU A 84 -4.65 18.26 16.73
N GLY A 85 -3.99 18.66 17.81
CA GLY A 85 -4.14 17.98 19.11
C GLY A 85 -3.82 16.50 18.96
N ASN A 86 -4.77 15.64 19.27
CA ASN A 86 -4.57 14.19 19.13
C ASN A 86 -5.06 13.63 17.80
N HIS A 87 -5.56 14.52 16.94
CA HIS A 87 -5.92 14.17 15.58
C HIS A 87 -4.69 14.18 14.67
N PHE A 88 -4.05 13.02 14.63
CA PHE A 88 -2.79 12.81 13.93
C PHE A 88 -3.10 12.46 12.47
N GLY A 89 -2.66 13.32 11.55
CA GLY A 89 -2.92 13.12 10.13
C GLY A 89 -4.34 13.51 9.74
N VAL A 90 -4.48 14.71 9.18
CA VAL A 90 -5.80 15.22 8.84
C VAL A 90 -5.79 15.73 7.40
N GLN A 91 -6.81 15.32 6.64
CA GLN A 91 -6.96 15.73 5.26
C GLN A 91 -8.09 16.76 5.11
N PRO A 92 -7.73 18.06 5.03
CA PRO A 92 -8.74 19.07 4.71
C PRO A 92 -9.07 19.06 3.22
N ILE A 93 -10.31 19.39 2.90
CA ILE A 93 -10.85 19.25 1.56
C ILE A 93 -11.61 20.52 1.18
N VAL A 94 -11.37 21.02 -0.04
CA VAL A 94 -11.99 22.26 -0.51
C VAL A 94 -12.59 22.09 -1.91
N SER A 95 -13.70 22.76 -2.15
CA SER A 95 -14.43 22.69 -3.41
C SER A 95 -13.65 23.26 -4.60
N SER A 96 -14.03 22.81 -5.80
CA SER A 96 -13.45 23.28 -7.03
C SER A 96 -14.53 23.96 -7.89
N THR A 97 -14.19 24.26 -9.14
CA THR A 97 -15.11 24.87 -10.08
C THR A 97 -15.97 23.84 -10.81
N THR A 98 -15.88 22.56 -10.40
CA THR A 98 -16.72 21.51 -10.98
C THR A 98 -17.79 21.10 -9.98
N ALA A 99 -19.04 21.16 -10.41
CA ALA A 99 -20.17 20.73 -9.60
C ALA A 99 -20.07 19.24 -9.32
N ASN A 100 -20.46 18.87 -8.09
CA ASN A 100 -20.45 17.49 -7.60
C ASN A 100 -19.07 16.90 -7.31
N ALA A 101 -18.03 17.73 -7.41
CA ALA A 101 -16.67 17.34 -7.03
C ALA A 101 -16.66 16.76 -5.62
N SER A 102 -15.88 15.70 -5.41
CA SER A 102 -15.90 14.98 -4.14
C SER A 102 -14.60 14.28 -3.78
N PHE A 103 -14.43 14.04 -2.48
CA PHE A 103 -13.43 13.11 -2.01
C PHE A 103 -14.12 11.96 -1.30
N LEU A 104 -13.76 10.73 -1.68
CA LEU A 104 -14.35 9.54 -1.08
C LEU A 104 -13.26 8.62 -0.52
N ALA A 105 -13.38 8.32 0.77
CA ALA A 105 -12.56 7.29 1.41
C ALA A 105 -13.48 6.12 1.71
N GLY A 106 -13.32 5.02 0.99
CA GLY A 106 -14.25 3.93 1.15
C GLY A 106 -13.85 2.62 0.54
N LEU A 108 -15.57 -1.22 -1.44
CA LEU A 108 -16.65 -1.79 -2.24
C LEU A 108 -17.64 -2.56 -1.37
N ALA A 110 -19.66 -5.05 -2.26
CA ALA A 110 -19.71 -6.48 -2.62
C ALA A 110 -18.95 -7.39 -1.66
N ILE A 111 -17.87 -6.87 -1.07
CA ILE A 111 -17.09 -7.66 -0.12
C ILE A 111 -17.71 -7.63 1.28
N PHE A 112 -18.70 -6.76 1.46
CA PHE A 112 -19.37 -6.59 2.75
C PHE A 112 -20.88 -6.86 2.64
N PRO A 113 -21.25 -8.15 2.51
CA PRO A 113 -22.67 -8.46 2.47
C PRO A 113 -23.27 -8.22 3.85
N LYS A 114 -24.59 -8.27 3.95
CA LYS A 114 -25.29 -8.03 5.21
C LYS A 114 -24.79 -8.91 6.36
N GLU A 115 -24.40 -10.16 6.07
CA GLU A 115 -23.88 -11.08 7.11
C GLU A 115 -22.57 -10.59 7.71
N SER A 116 -21.81 -9.81 6.95
CA SER A 116 -20.51 -9.29 7.40
C SER A 116 -20.65 -8.32 8.57
N GLU A 117 -21.83 -7.71 8.69
CA GLU A 117 -22.14 -6.90 9.86
C GLU A 117 -21.12 -5.74 9.95
N LEU A 118 -20.83 -5.13 8.81
CA LEU A 118 -19.76 -4.12 8.69
C LEU A 118 -19.95 -2.93 9.61
N GLU A 119 -18.86 -2.53 10.25
CA GLU A 119 -18.84 -1.32 11.05
C GLU A 119 -17.79 -0.33 10.51
N VAL A 120 -18.25 0.88 10.21
CA VAL A 120 -17.38 1.97 9.78
C VAL A 120 -17.32 3.09 10.83
N THR A 121 -16.10 3.47 11.22
CA THR A 121 -15.90 4.59 12.15
C THR A 121 -15.08 5.70 11.49
N VAL A 122 -15.60 6.92 11.56
CA VAL A 122 -14.99 8.08 10.94
C VAL A 122 -14.80 9.19 11.97
N TYR A 123 -13.57 9.69 12.06
CA TYR A 123 -13.25 10.88 12.84
C TYR A 123 -13.15 12.04 11.86
N PHE A 124 -13.98 13.05 12.03
CA PHE A 124 -14.08 14.13 11.04
C PHE A 124 -14.25 15.51 11.67
N LYS A 125 -13.91 16.54 10.90
CA LYS A 125 -14.04 17.91 11.40
C LYS A 125 -14.89 18.75 10.45
N THR A 126 -15.91 19.40 11.00
CA THR A 126 -16.75 20.32 10.23
C THR A 126 -15.96 21.59 9.91
N PRO A 127 -16.28 22.26 8.78
CA PRO A 127 -15.55 23.48 8.40
C PRO A 127 -15.92 24.69 9.27
N SER A 128 -15.15 25.78 9.14
CA SER A 128 -15.37 27.01 9.90
C SER A 128 -16.73 27.64 9.61
N ALA A 129 -17.21 27.43 8.39
CA ALA A 129 -18.51 27.91 7.96
C ALA A 129 -19.23 26.82 7.20
N PHE A 130 -20.49 26.57 7.58
CA PHE A 130 -21.34 25.65 6.84
C PHE A 130 -21.83 26.31 5.54
N ASN A 131 -22.39 25.50 4.65
CA ASN A 131 -22.82 25.95 3.32
C ASN A 131 -23.83 24.97 2.77
N PRO A 132 -24.95 25.46 2.19
CA PRO A 132 -25.98 24.55 1.66
C PRO A 132 -25.46 23.60 0.56
N ALA A 133 -24.33 23.96 -0.07
CA ALA A 133 -23.72 23.16 -1.14
C ALA A 133 -22.94 21.93 -0.64
N GLN A 134 -22.65 21.88 0.65
CA GLN A 134 -21.92 20.77 1.26
C GLN A 134 -22.84 19.55 1.49
N LEU A 135 -22.40 18.42 0.97
CA LEU A 135 -23.07 17.15 1.19
C LEU A 135 -22.03 16.11 1.58
N THR A 136 -22.15 15.61 2.80
CA THR A 136 -21.28 14.55 3.31
C THR A 136 -22.13 13.37 3.70
N VAL A 137 -21.61 12.18 3.45
CA VAL A 137 -22.28 10.93 3.79
C VAL A 137 -21.29 10.04 4.51
N ILE A 138 -21.70 9.48 5.65
CA ILE A 138 -21.00 8.34 6.22
C ILE A 138 -21.93 7.15 6.13
N GLY A 139 -21.59 6.24 5.21
CA GLY A 139 -22.42 5.10 4.87
C GLY A 139 -22.22 4.76 3.40
N SER A 140 -23.25 4.20 2.77
CA SER A 140 -23.18 3.89 1.35
C SER A 140 -23.50 5.11 0.50
N THR A 141 -22.94 5.15 -0.71
CA THR A 141 -23.12 6.30 -1.59
C THR A 141 -22.76 6.01 -3.04
N SER A 142 -23.39 6.75 -3.95
CA SER A 142 -22.94 6.88 -5.33
C SER A 142 -21.48 7.31 -5.34
N ILE A 143 -20.69 6.74 -6.23
CA ILE A 143 -19.27 7.04 -6.32
C ILE A 143 -19.05 8.36 -7.05
N GLY A 144 -17.94 9.04 -6.76
CA GLY A 144 -17.51 10.21 -7.53
C GLY A 144 -18.47 11.39 -7.64
N LEU A 145 -18.83 11.73 -8.88
CA LEU A 145 -19.70 12.88 -9.15
C LEU A 145 -21.20 12.58 -8.96
N GLY A 146 -21.52 11.30 -8.72
CA GLY A 146 -22.89 10.89 -8.49
C GLY A 146 -23.49 11.51 -7.23
N ILE A 147 -24.78 11.79 -7.28
CA ILE A 147 -25.54 12.32 -6.14
C ILE A 147 -26.90 11.62 -5.99
N SER A 148 -27.11 10.53 -6.70
CA SER A 148 -28.45 9.91 -6.79
C SER A 148 -28.84 9.00 -5.64
N ASP A 149 -27.84 8.44 -4.95
CA ASP A 149 -28.09 7.41 -3.93
C ASP A 149 -27.14 7.55 -2.75
N ARG A 150 -27.68 7.41 -1.54
CA ARG A 150 -26.89 7.40 -0.30
C ARG A 150 -27.72 6.87 0.86
N SER A 151 -27.04 6.30 1.85
CA SER A 151 -27.67 5.81 3.08
C SER A 151 -26.66 5.92 4.20
N GLY A 152 -27.09 6.41 5.36
CA GLY A 152 -26.25 6.46 6.55
C GLY A 152 -26.45 7.76 7.30
N LEU A 153 -25.34 8.33 7.79
CA LEU A 153 -25.39 9.68 8.33
C LEU A 153 -25.12 10.69 7.23
N ILE A 154 -26.14 11.48 6.90
CA ILE A 154 -26.10 12.49 5.85
C ILE A 154 -25.96 13.87 6.49
N ILE A 155 -24.98 14.63 6.02
CA ILE A 155 -24.77 15.99 6.49
C ILE A 155 -25.01 16.96 5.33
N GLU A 156 -26.09 17.74 5.45
CA GLU A 156 -26.42 18.80 4.51
C GLU A 156 -26.37 20.14 5.25
N ASN A 157 -25.49 21.04 4.80
CA ASN A 157 -25.22 22.28 5.54
C ASN A 157 -24.74 21.94 6.95
N GLY A 158 -25.36 22.53 7.96
CA GLY A 158 -25.02 22.24 9.36
C GLY A 158 -25.82 21.11 9.98
N ASN A 159 -26.66 20.45 9.18
CA ASN A 159 -27.58 19.45 9.70
C ASN A 159 -27.16 18.02 9.41
N ALA A 160 -26.91 17.27 10.49
CA ALA A 160 -26.71 15.83 10.41
C ALA A 160 -28.03 15.10 10.64
N PHE A 161 -28.31 14.10 9.80
CA PHE A 161 -29.51 13.27 9.93
C PHE A 161 -29.30 11.89 9.34
N GLY A 162 -29.90 10.89 9.97
CA GLY A 162 -29.95 9.55 9.39
C GLY A 162 -30.98 9.57 8.27
N GLY A 163 -30.73 8.79 7.22
CA GLY A 163 -31.63 8.78 6.08
C GLY A 163 -31.19 7.89 4.95
N ILE A 164 -32.11 7.68 4.02
CA ILE A 164 -31.86 6.92 2.80
C ILE A 164 -32.34 7.76 1.62
N VAL A 165 -31.48 7.88 0.62
CA VAL A 165 -31.85 8.53 -0.64
C VAL A 165 -31.59 7.54 -1.77
N LYS A 166 -32.60 7.33 -2.60
CA LYS A 166 -32.48 6.42 -3.75
C LYS A 166 -33.05 7.07 -5.00
N ALA A 167 -32.28 7.04 -6.07
CA ALA A 167 -32.62 7.71 -7.34
C ALA A 167 -33.06 9.16 -7.13
N SER A 168 -32.26 9.91 -6.39
CA SER A 168 -32.44 11.37 -6.20
C SER A 168 -33.63 11.78 -5.30
N ALA A 169 -34.36 10.80 -4.79
CA ALA A 169 -35.48 11.07 -3.88
C ALA A 169 -35.27 10.42 -2.52
N ALA A 170 -35.57 11.19 -1.47
CA ALA A 170 -35.54 10.68 -0.09
C ALA A 170 -36.65 9.64 0.10
N THR A 171 -36.31 8.51 0.70
CA THR A 171 -37.29 7.46 0.97
C THR A 171 -37.50 7.32 2.47
N GLU A 172 -36.54 7.83 3.23
CA GLU A 172 -36.54 7.76 4.69
C GLU A 172 -35.64 8.87 5.22
N THR A 173 -36.15 9.64 6.19
CA THR A 173 -35.40 10.78 6.76
C THR A 173 -35.66 10.92 8.26
N GLY A 174 -34.60 10.78 9.05
CA GLY A 174 -34.68 10.96 10.49
C GLY A 174 -34.70 12.42 10.90
N SER A 175 -34.81 12.68 12.20
CA SER A 175 -34.76 14.05 12.71
C SER A 175 -33.35 14.61 12.50
N THR A 176 -33.23 15.93 12.44
CA THR A 176 -31.94 16.55 12.20
C THR A 176 -31.25 16.95 13.50
N TYR A 177 -29.92 16.99 13.44
CA TYR A 177 -29.08 17.44 14.54
C TYR A 177 -28.21 18.57 14.03
N ALA A 178 -28.26 19.72 14.70
CA ALA A 178 -27.43 20.88 14.34
C ALA A 178 -26.01 20.72 14.86
N LEU A 179 -25.07 20.58 13.93
CA LEU A 179 -23.66 20.40 14.27
C LEU A 179 -23.00 21.74 14.59
N SER A 180 -21.94 21.69 15.40
CA SER A 180 -21.11 22.86 15.65
C SER A 180 -20.05 22.98 14.56
N THR A 181 -19.81 24.23 14.15
CA THR A 181 -18.78 24.53 13.16
C THR A 181 -17.38 24.34 13.78
N SER A 182 -16.37 24.10 12.93
CA SER A 182 -14.98 23.84 13.35
C SER A 182 -14.85 22.85 14.51
N THR A 183 -15.57 21.75 14.43
CA THR A 183 -15.67 20.82 15.55
C THR A 183 -15.40 19.38 15.15
N TRP A 184 -14.61 18.69 15.98
CA TRP A 184 -14.34 17.27 15.78
C TRP A 184 -15.49 16.38 16.24
N TYR A 185 -15.93 15.51 15.33
CA TYR A 185 -16.97 14.52 15.62
C TYR A 185 -16.49 13.11 15.33
N ILE A 186 -17.21 12.14 15.87
CA ILE A 186 -17.02 10.73 15.55
C ILE A 186 -18.36 10.17 15.08
N CYS A 187 -18.34 9.40 13.99
CA CYS A 187 -19.53 8.69 13.56
C CYS A 187 -19.24 7.20 13.42
N LYS A 188 -20.12 6.39 13.98
CA LYS A 188 -20.11 4.96 13.73
C LYS A 188 -21.33 4.52 12.89
N PHE A 189 -21.06 3.94 11.73
CA PHE A 189 -22.07 3.30 10.87
C PHE A 189 -22.03 1.80 11.13
N LYS A 190 -23.18 1.21 11.47
CA LYS A 190 -23.31 -0.23 11.64
C LYS A 190 -24.26 -0.81 10.60
N LEU A 192 -26.46 -3.89 9.69
CA LEU A 192 -27.17 -4.94 10.41
C LEU A 192 -27.35 -6.13 9.49
N THR A 193 -27.66 -7.29 10.08
CA THR A 193 -27.67 -8.55 9.32
C THR A 193 -28.83 -8.68 8.32
N ASP A 194 -29.77 -7.73 8.40
CA ASP A 194 -30.88 -7.63 7.44
C ASP A 194 -30.69 -6.45 6.46
N ASP A 195 -29.48 -5.88 6.48
CA ASP A 195 -29.07 -4.76 5.60
C ASP A 195 -29.70 -3.40 5.95
N ARG A 196 -30.41 -3.35 7.07
CA ARG A 196 -30.76 -2.09 7.70
C ARG A 196 -29.48 -1.53 8.31
N PHE A 197 -29.50 -0.27 8.74
CA PHE A 197 -28.32 0.30 9.38
C PHE A 197 -28.66 1.10 10.63
N LYS A 198 -27.66 1.32 11.46
CA LYS A 198 -27.77 2.34 12.47
C LYS A 198 -26.55 3.25 12.48
N VAL A 199 -26.78 4.56 12.60
CA VAL A 199 -25.71 5.53 12.65
C VAL A 199 -25.74 6.27 13.98
N THR A 200 -24.56 6.49 14.54
CA THR A 200 -24.44 7.19 15.81
C THR A 200 -23.38 8.25 15.68
N LEU A 201 -23.73 9.46 16.08
CA LEU A 201 -22.80 10.58 16.08
C LEU A 201 -22.36 10.86 17.50
N TYR A 202 -21.05 10.87 17.71
CA TYR A 202 -20.47 11.19 19.02
C TYR A 202 -19.74 12.52 18.97
N SER A 203 -19.57 13.14 20.14
CA SER A 203 -18.62 14.23 20.27
C SER A 203 -17.21 13.64 20.34
N ASP A 204 -16.20 14.51 20.27
CA ASP A 204 -14.79 14.07 20.30
C ASP A 204 -14.40 13.47 21.65
N SER A 205 -15.28 13.66 22.64
CA SER A 205 -15.14 13.06 23.97
C SER A 205 -15.68 11.62 24.00
N GLY A 206 -16.40 11.24 22.94
CA GLY A 206 -16.94 9.88 22.79
C GLY A 206 -18.33 9.66 23.36
N THR A 207 -19.05 10.73 23.66
CA THR A 207 -20.41 10.61 24.17
C THR A 207 -21.45 10.77 23.05
N GLN A 208 -22.40 9.84 23.01
CA GLN A 208 -23.41 9.81 21.95
C GLN A 208 -24.21 11.12 21.90
N LEU A 209 -24.34 11.70 20.70
CA LEU A 209 -25.05 12.96 20.51
C LEU A 209 -26.34 12.77 19.74
N TYR A 210 -26.35 11.75 18.88
CA TYR A 210 -27.44 11.48 17.96
C TYR A 210 -27.32 10.06 17.45
N SER A 211 -28.46 9.41 17.26
CA SER A 211 -28.54 8.06 16.71
C SER A 211 -29.73 7.95 15.75
N TYR A 212 -29.61 7.06 14.78
CA TYR A 212 -30.70 6.73 13.86
C TYR A 212 -30.59 5.29 13.42
N THR A 213 -31.67 4.56 13.60
CA THR A 213 -31.79 3.19 13.12
C THR A 213 -32.79 3.19 11.97
N SER A 214 -32.38 2.66 10.82
CA SER A 214 -33.23 2.69 9.63
C SER A 214 -34.40 1.71 9.70
N THR A 215 -35.49 2.07 9.02
CA THR A 215 -36.65 1.21 8.87
C THR A 215 -36.47 0.25 7.69
N ALA A 216 -36.07 0.80 6.55
CA ALA A 216 -35.82 -0.01 5.36
C ALA A 216 -34.33 -0.36 5.24
N ALA A 217 -34.01 -1.24 4.29
CA ALA A 217 -32.64 -1.60 3.98
C ALA A 217 -31.88 -0.42 3.38
N PHE A 219 -29.27 1.73 0.97
CA PHE A 219 -28.89 1.71 -0.43
C PHE A 219 -27.65 0.83 -0.55
N ARG A 220 -27.70 -0.13 -1.47
CA ARG A 220 -26.58 -1.00 -1.75
C ARG A 220 -26.44 -1.17 -3.26
N ALA A 221 -25.22 -1.02 -3.76
CA ALA A 221 -24.88 -1.50 -5.10
C ALA A 221 -23.57 -2.26 -5.05
N ASP A 222 -23.63 -3.55 -5.38
CA ASP A 222 -22.45 -4.43 -5.31
C ASP A 222 -21.60 -4.36 -6.57
N ASN A 223 -21.29 -3.13 -6.99
CA ASN A 223 -20.39 -2.87 -8.11
C ASN A 223 -19.64 -1.55 -7.88
N ALA A 224 -18.87 -1.12 -8.86
CA ALA A 224 -18.03 0.08 -8.74
C ALA A 224 -18.77 1.41 -8.90
N THR A 225 -20.11 1.38 -9.00
CA THR A 225 -20.90 2.62 -9.08
C THR A 225 -21.16 3.19 -7.69
N ALA A 226 -20.88 2.37 -6.66
CA ALA A 226 -21.04 2.79 -5.28
C ALA A 226 -19.81 2.44 -4.46
N HIS A 227 -19.72 3.05 -3.28
CA HIS A 227 -18.77 2.68 -2.24
C HIS A 227 -19.45 2.89 -0.89
N ILE A 228 -18.88 2.29 0.15
CA ILE A 228 -19.28 2.53 1.52
C ILE A 228 -18.09 3.14 2.28
N GLY A 229 -18.34 4.19 3.05
CA GLY A 229 -17.31 4.83 3.83
C GLY A 229 -17.65 6.28 4.10
N PHE A 230 -16.72 7.14 3.71
CA PHE A 230 -16.84 8.58 3.90
C PHE A 230 -16.79 9.27 2.54
N LYS A 231 -17.73 10.19 2.34
CA LYS A 231 -17.76 10.98 1.11
C LYS A 231 -18.20 12.40 1.44
N THR A 232 -17.41 13.37 1.05
CA THR A 232 -17.76 14.78 1.19
C THR A 232 -17.74 15.41 -0.21
N GLN A 233 -18.73 16.23 -0.49
CA GLN A 233 -19.00 16.68 -1.85
C GLN A 233 -19.50 18.13 -1.86
N CYS A 234 -19.14 18.88 -2.90
CA CYS A 234 -19.71 20.19 -3.14
C CYS A 234 -20.70 20.14 -4.30
N LYS A 235 -21.97 20.41 -4.00
CA LYS A 235 -23.05 20.32 -4.98
C LYS A 235 -23.01 21.45 -6.01
N THR A 236 -22.12 22.41 -5.79
CA THR A 236 -22.06 23.61 -6.59
C THR A 236 -20.70 23.78 -7.30
N ALA A 237 -20.66 24.64 -8.32
CA ALA A 237 -19.46 24.87 -9.11
C ALA A 237 -18.60 26.03 -8.59
N THR A 238 -18.80 26.37 -7.32
CA THR A 238 -18.06 27.46 -6.67
C THR A 238 -16.89 26.90 -5.88
N ALA A 239 -15.70 27.38 -6.21
CA ALA A 239 -14.47 26.96 -5.54
C ALA A 239 -14.26 27.74 -4.25
N GLY A 240 -13.51 27.17 -3.31
CA GLY A 240 -13.18 27.85 -2.06
C GLY A 240 -13.98 27.42 -0.86
N ILE A 241 -15.06 26.67 -1.10
CA ILE A 241 -15.92 26.15 -0.03
C ILE A 241 -15.22 24.98 0.67
N SER A 242 -14.95 25.15 1.97
CA SER A 242 -14.39 24.06 2.76
C SER A 242 -15.44 22.99 3.01
N LEU A 243 -15.03 21.74 2.81
CA LEU A 243 -15.86 20.60 3.09
C LEU A 243 -15.34 19.95 4.37
N ILE A 244 -15.85 18.77 4.69
CA ILE A 244 -15.55 18.09 5.94
C ILE A 244 -14.17 17.44 5.88
N SER A 245 -13.31 17.77 6.84
CA SER A 245 -11.95 17.21 6.94
C SER A 245 -12.01 15.84 7.61
N ILE A 246 -11.06 14.98 7.26
CA ILE A 246 -11.02 13.63 7.80
C ILE A 246 -9.68 13.29 8.45
N ASP A 247 -9.76 12.77 9.67
CA ASP A 247 -8.61 12.34 10.45
C ASP A 247 -8.37 10.83 10.24
N LEU A 248 -9.43 10.04 10.38
CA LEU A 248 -9.26 8.60 10.51
C LEU A 248 -10.53 7.87 10.08
N ILE A 249 -10.34 6.79 9.34
CA ILE A 249 -11.43 5.89 8.99
C ILE A 249 -11.04 4.45 9.32
N GLU A 250 -12.03 3.67 9.72
CA GLU A 250 -11.87 2.33 10.26
C GLU A 250 -12.95 1.44 9.65
N PHE A 251 -12.56 0.29 9.11
CA PHE A 251 -13.51 -0.74 8.61
C PHE A 251 -13.31 -2.04 9.38
N LYS A 252 -14.40 -2.52 9.99
CA LYS A 252 -14.38 -3.72 10.80
C LYS A 252 -15.54 -4.63 10.37
N ALA A 253 -15.24 -5.87 9.95
CA ALA A 253 -16.28 -6.78 9.48
C ALA A 253 -16.01 -8.26 9.76
N LYS A 254 -17.09 -9.05 9.72
CA LYS A 254 -17.01 -10.50 9.85
C LYS A 254 -16.96 -11.14 8.47
N VAL A 255 -16.07 -12.11 8.30
CA VAL A 255 -15.83 -12.73 7.00
C VAL A 255 -15.81 -14.25 7.15
N SER A 256 -16.39 -14.95 6.18
CA SER A 256 -16.22 -16.41 6.09
C SER A 256 -15.27 -16.71 4.92
N ALA A 257 -13.98 -16.85 5.22
CA ALA A 257 -12.96 -16.98 4.18
C ALA A 257 -11.96 -18.11 4.45
N THR A 258 -12.47 -19.32 4.62
CA THR A 258 -11.64 -20.49 4.84
C THR A 258 -11.26 -21.18 3.53
N ARG A 259 -10.00 -21.04 3.11
CA ARG A 259 -9.52 -21.87 1.98
C ARG A 259 -8.48 -22.88 2.38
N ALA A 260 -8.45 -23.98 1.63
CA ALA A 260 -7.50 -25.07 1.84
C ALA A 260 -6.07 -24.55 1.85
N LYS A 261 -5.30 -25.05 2.82
CA LYS A 261 -3.88 -24.78 2.90
C LYS A 261 -3.20 -25.87 2.07
N VAL A 262 -2.13 -25.50 1.37
CA VAL A 262 -1.35 -26.48 0.61
C VAL A 262 0.14 -26.32 0.90
N THR B 24 -3.94 -23.76 16.27
CA THR B 24 -5.14 -24.43 16.85
C THR B 24 -5.25 -24.33 18.38
N THR B 25 -4.12 -24.11 19.07
CA THR B 25 -4.12 -23.95 20.53
C THR B 25 -3.30 -22.72 20.99
N PRO B 26 -3.82 -21.99 22.00
CA PRO B 26 -3.12 -20.81 22.55
C PRO B 26 -1.79 -21.16 23.23
N GLY B 27 -0.83 -20.24 23.14
CA GLY B 27 0.50 -20.47 23.69
C GLY B 27 1.45 -19.30 23.55
N LEU B 28 2.73 -19.57 23.71
CA LEU B 28 3.75 -18.52 23.71
C LEU B 28 3.98 -17.91 22.32
N SER B 30 6.75 -16.63 19.63
CA SER B 30 8.15 -16.91 19.28
C SER B 30 8.94 -15.61 19.04
N PRO B 31 10.28 -15.66 19.23
CA PRO B 31 11.13 -14.51 18.90
C PRO B 31 10.95 -14.00 17.46
N SER B 32 10.68 -14.92 16.53
CA SER B 32 10.41 -14.59 15.12
C SER B 32 9.13 -13.75 14.97
N GLU B 33 8.09 -14.14 15.70
CA GLU B 33 6.81 -13.43 15.69
C GLU B 33 6.94 -12.06 16.35
N LYS B 34 7.69 -12.00 17.45
CA LYS B 34 7.94 -10.74 18.16
C LYS B 34 8.69 -9.72 17.28
N LEU B 35 9.68 -10.22 16.53
CA LEU B 35 10.47 -9.41 15.60
C LEU B 35 9.62 -8.80 14.48
N LYS B 36 8.73 -9.61 13.89
CA LYS B 36 7.85 -9.18 12.79
C LYS B 36 6.91 -8.08 13.24
N LEU B 37 6.37 -8.24 14.45
CA LEU B 37 5.43 -7.27 15.00
C LEU B 37 6.12 -5.94 15.37
N SER B 38 7.41 -6.00 15.72
CA SER B 38 8.18 -4.81 16.10
C SER B 38 8.36 -3.85 14.93
N THR B 39 8.35 -4.38 13.71
CA THR B 39 8.57 -3.57 12.53
C THR B 39 7.30 -3.45 11.67
N LEU B 40 6.14 -3.63 12.30
CA LEU B 40 4.86 -3.45 11.64
C LEU B 40 4.62 -1.96 11.33
N THR B 41 4.26 -1.67 10.08
CA THR B 41 3.96 -0.31 9.63
C THR B 41 2.69 0.19 10.31
N THR B 42 2.78 1.39 10.91
CA THR B 42 1.65 1.98 11.65
C THR B 42 0.48 2.23 10.73
N SER B 43 -0.71 1.82 11.15
CA SER B 43 -1.95 2.19 10.44
C SER B 43 -2.68 3.24 11.27
N ILE B 44 -3.44 2.78 12.25
CA ILE B 44 -4.12 3.67 13.17
C ILE B 44 -3.16 3.90 14.33
N ALA B 45 -2.76 5.15 14.52
CA ALA B 45 -1.75 5.50 15.54
C ALA B 45 -2.36 5.68 16.94
N THR B 46 -1.53 5.38 17.94
CA THR B 46 -1.84 5.69 19.34
C THR B 46 -0.74 6.55 19.95
N SER B 47 0.44 5.97 20.18
CA SER B 47 1.57 6.71 20.77
C SER B 47 2.88 6.57 19.98
N ASP B 48 2.90 5.68 19.00
CA ASP B 48 4.11 5.36 18.25
C ASP B 48 3.89 5.41 16.73
N PHE B 49 4.95 5.72 16.00
CA PHE B 49 4.93 5.59 14.55
C PHE B 49 6.15 4.78 14.07
N TYR B 50 5.90 3.83 13.18
CA TYR B 50 6.96 3.12 12.46
C TYR B 50 6.59 2.91 11.00
N ALA B 51 7.57 3.14 10.12
CA ALA B 51 7.45 2.82 8.70
C ALA B 51 8.83 2.48 8.14
N SER B 52 8.86 1.51 7.22
CA SER B 52 10.10 1.13 6.57
C SER B 52 9.78 0.72 5.16
N TYR B 53 10.78 0.83 4.27
CA TYR B 53 10.63 0.29 2.93
C TYR B 53 11.99 -0.21 2.43
N ASP B 54 11.99 -1.40 1.82
CA ASP B 54 13.21 -2.15 1.53
C ASP B 54 13.50 -2.25 0.03
N PHE B 55 12.76 -1.49 -0.78
CA PHE B 55 13.08 -1.34 -2.22
C PHE B 55 13.14 -2.64 -3.04
N HIS B 58 8.69 -3.72 -8.02
CA HIS B 58 8.62 -3.15 -9.38
C HIS B 58 8.31 -1.66 -9.26
N SER B 59 9.16 -0.82 -9.85
CA SER B 59 9.12 0.62 -9.57
C SER B 59 8.29 1.44 -10.57
N ILE B 60 7.82 0.82 -11.65
CA ILE B 60 7.02 1.56 -12.64
C ILE B 60 5.69 2.00 -12.02
N GLY B 61 5.46 3.30 -11.99
CA GLY B 61 4.25 3.89 -11.42
C GLY B 61 4.12 3.76 -9.91
N LEU B 62 5.22 3.48 -9.23
CA LEU B 62 5.21 3.31 -7.78
C LEU B 62 5.55 4.63 -7.08
N THR B 63 4.57 5.23 -6.41
CA THR B 63 4.77 6.58 -5.85
C THR B 63 4.74 6.60 -4.32
N SER B 64 4.47 5.44 -3.71
CA SER B 64 4.46 5.29 -2.26
C SER B 64 4.47 3.80 -1.87
N ALA B 65 4.93 3.53 -0.66
CA ALA B 65 4.89 2.20 -0.07
C ALA B 65 5.04 2.32 1.44
N ASN B 66 4.19 1.61 2.18
CA ASN B 66 4.26 1.60 3.64
C ASN B 66 4.35 3.00 4.26
N ASN B 67 3.48 3.90 3.78
CA ASN B 67 3.37 5.28 4.26
C ASN B 67 4.37 6.27 3.63
N ILE B 68 5.37 5.75 2.95
CA ILE B 68 6.52 6.55 2.49
C ILE B 68 6.34 6.98 1.04
N SER B 69 6.48 8.28 0.77
CA SER B 69 6.42 8.80 -0.59
C SER B 69 7.66 8.38 -1.36
N LEU B 70 7.46 7.88 -2.58
CA LEU B 70 8.59 7.49 -3.45
C LEU B 70 8.49 8.31 -4.73
N LEU B 71 9.20 9.43 -4.72
CA LEU B 71 8.95 10.50 -5.69
C LEU B 71 10.07 10.65 -6.72
N SER B 72 9.69 10.52 -8.00
CA SER B 72 10.61 10.77 -9.12
C SER B 72 10.25 12.08 -9.79
N THR B 73 11.27 12.89 -10.08
CA THR B 73 11.07 14.13 -10.83
C THR B 73 12.14 14.30 -11.89
N GLY B 74 11.83 15.15 -12.88
CA GLY B 74 12.79 15.51 -13.92
C GLY B 74 13.21 14.34 -14.79
N ASN B 75 12.35 13.33 -14.87
CA ASN B 75 12.63 12.15 -15.69
C ASN B 75 13.86 11.38 -15.17
N ILE B 76 14.06 11.39 -13.85
CA ILE B 76 15.16 10.62 -13.24
C ILE B 76 15.08 9.15 -13.68
N SER B 77 16.24 8.53 -13.87
CA SER B 77 16.28 7.15 -14.36
C SER B 77 16.46 6.15 -13.23
N LEU B 78 15.37 5.46 -12.90
CA LEU B 78 15.43 4.37 -11.94
C LEU B 78 15.93 3.12 -12.64
N GLN B 79 17.04 2.57 -12.16
CA GLN B 79 17.57 1.34 -12.73
C GLN B 79 16.77 0.15 -12.21
N ASN B 80 17.06 -1.04 -12.72
CA ASN B 80 16.43 -2.26 -12.23
C ASN B 80 16.71 -2.51 -10.76
N ILE B 81 15.70 -3.00 -10.03
CA ILE B 81 15.88 -3.49 -8.68
C ILE B 81 16.84 -4.67 -8.73
N LEU B 82 17.77 -4.67 -7.78
CA LEU B 82 18.68 -5.78 -7.58
C LEU B 82 18.84 -6.00 -6.07
N SER B 83 19.50 -7.10 -5.71
CA SER B 83 19.98 -7.29 -4.35
C SER B 83 21.48 -7.52 -4.42
N GLU B 84 22.19 -7.08 -3.39
CA GLU B 84 23.64 -7.25 -3.32
C GLU B 84 24.02 -7.72 -1.91
N GLY B 85 24.63 -8.90 -1.81
CA GLY B 85 24.97 -9.49 -0.51
C GLY B 85 23.76 -9.52 0.40
N ASN B 86 23.87 -8.89 1.57
CA ASN B 86 22.72 -8.81 2.49
C ASN B 86 21.84 -7.59 2.28
N HIS B 87 22.10 -6.85 1.21
CA HIS B 87 21.28 -5.70 0.86
C HIS B 87 20.19 -6.17 -0.08
N PHE B 88 19.05 -6.47 0.52
CA PHE B 88 17.92 -7.08 -0.16
C PHE B 88 17.03 -5.98 -0.71
N GLY B 89 16.95 -5.88 -2.04
CA GLY B 89 16.13 -4.86 -2.67
C GLY B 89 16.87 -3.54 -2.66
N VAL B 90 17.48 -3.19 -3.79
CA VAL B 90 18.26 -1.98 -3.92
C VAL B 90 17.77 -1.22 -5.15
N GLN B 91 17.56 0.09 -5.00
CA GLN B 91 17.17 0.96 -6.11
C GLN B 91 18.32 1.87 -6.55
N PRO B 92 19.04 1.49 -7.64
CA PRO B 92 20.05 2.38 -8.22
C PRO B 92 19.40 3.50 -9.05
N ILE B 93 20.09 4.64 -9.13
CA ILE B 93 19.49 5.85 -9.68
C ILE B 93 20.51 6.58 -10.59
N VAL B 94 20.04 6.98 -11.77
CA VAL B 94 20.91 7.63 -12.77
C VAL B 94 20.28 8.94 -13.25
N SER B 95 21.11 9.95 -13.52
CA SER B 95 20.64 11.28 -13.91
C SER B 95 20.01 11.32 -15.29
N SER B 96 19.32 12.42 -15.57
CA SER B 96 18.68 12.67 -16.86
C SER B 96 19.21 13.97 -17.48
N THR B 97 18.56 14.43 -18.53
CA THR B 97 18.92 15.72 -19.15
C THR B 97 18.22 16.91 -18.47
N THR B 98 17.57 16.66 -17.33
CA THR B 98 16.90 17.72 -16.57
C THR B 98 17.70 18.05 -15.31
N ALA B 99 18.17 19.29 -15.23
CA ALA B 99 18.93 19.71 -14.05
C ALA B 99 17.98 19.64 -12.86
N ASN B 100 18.51 19.13 -11.75
CA ASN B 100 17.79 19.00 -10.47
C ASN B 100 16.82 17.80 -10.39
N ALA B 101 16.80 16.95 -11.42
CA ALA B 101 16.13 15.64 -11.40
C ALA B 101 16.52 14.88 -10.14
N SER B 102 15.53 14.29 -9.50
CA SER B 102 15.77 13.65 -8.21
C SER B 102 14.89 12.45 -7.94
N PHE B 103 15.35 11.64 -7.01
CA PHE B 103 14.52 10.61 -6.41
C PHE B 103 14.47 10.85 -4.91
N LEU B 104 13.27 10.81 -4.34
CA LEU B 104 13.06 11.09 -2.92
C LEU B 104 12.20 10.00 -2.26
N ALA B 105 12.72 9.43 -1.18
CA ALA B 105 11.95 8.52 -0.34
C ALA B 105 11.79 9.20 1.01
N GLY B 106 10.57 9.61 1.33
CA GLY B 106 10.38 10.42 2.54
C GLY B 106 8.95 10.62 2.94
N LEU B 108 6.02 13.61 4.94
CA LEU B 108 5.69 14.99 5.28
C LEU B 108 6.17 15.33 6.69
N ALA B 110 4.97 17.75 8.66
CA ALA B 110 3.85 18.15 9.54
C ALA B 110 3.49 17.01 10.49
N ILE B 111 3.71 15.78 10.05
CA ILE B 111 3.37 14.64 10.89
C ILE B 111 4.49 14.25 11.88
N PHE B 112 5.65 14.89 11.74
CA PHE B 112 6.72 14.77 12.73
C PHE B 112 7.11 16.14 13.30
N PRO B 113 6.28 16.68 14.22
CA PRO B 113 6.67 17.92 14.89
C PRO B 113 7.87 17.63 15.78
N LYS B 114 8.55 18.68 16.26
CA LYS B 114 9.79 18.52 17.03
C LYS B 114 9.67 17.58 18.26
N GLU B 115 8.46 17.49 18.82
CA GLU B 115 8.17 16.64 19.98
C GLU B 115 8.17 15.14 19.67
N SER B 116 8.01 14.79 18.39
CA SER B 116 7.96 13.40 17.97
C SER B 116 9.32 12.70 18.06
N GLU B 117 10.38 13.50 18.07
CA GLU B 117 11.77 13.03 18.07
C GLU B 117 12.05 11.96 17.00
N LEU B 118 11.61 12.24 15.77
CA LEU B 118 11.78 11.34 14.63
C LEU B 118 13.23 10.90 14.47
N GLU B 119 13.38 9.63 14.13
CA GLU B 119 14.66 9.04 13.83
C GLU B 119 14.49 8.38 12.47
N VAL B 120 15.34 8.79 11.51
CA VAL B 120 15.35 8.21 10.18
C VAL B 120 16.66 7.47 9.99
N THR B 121 16.58 6.25 9.48
CA THR B 121 17.75 5.44 9.22
C THR B 121 17.78 5.05 7.74
N VAL B 122 18.90 5.33 7.07
CA VAL B 122 19.02 5.05 5.65
C VAL B 122 20.26 4.18 5.37
N TYR B 123 20.06 3.13 4.57
CA TYR B 123 21.14 2.27 4.12
C TYR B 123 21.33 2.57 2.65
N PHE B 124 22.53 3.03 2.29
CA PHE B 124 22.77 3.54 0.94
C PHE B 124 24.16 3.21 0.41
N LYS B 125 24.30 3.21 -0.92
CA LYS B 125 25.58 2.90 -1.56
C LYS B 125 26.00 4.03 -2.47
N THR B 126 27.25 4.47 -2.29
CA THR B 126 27.84 5.48 -3.15
C THR B 126 28.05 4.90 -4.55
N PRO B 127 28.02 5.77 -5.59
CA PRO B 127 28.29 5.33 -6.97
C PRO B 127 29.74 4.88 -7.21
N SER B 128 30.02 4.30 -8.38
CA SER B 128 31.39 3.90 -8.73
C SER B 128 32.31 5.07 -9.02
N ALA B 129 31.74 6.22 -9.37
CA ALA B 129 32.50 7.45 -9.56
C ALA B 129 31.74 8.63 -8.96
N PHE B 130 32.41 9.43 -8.15
CA PHE B 130 31.83 10.67 -7.66
C PHE B 130 31.86 11.73 -8.76
N ASN B 131 31.02 12.74 -8.61
CA ASN B 131 30.84 13.78 -9.62
C ASN B 131 30.31 15.02 -8.87
N PRO B 132 30.87 16.23 -9.18
CA PRO B 132 30.44 17.45 -8.47
C PRO B 132 28.93 17.75 -8.57
N ALA B 133 28.27 17.14 -9.54
CA ALA B 133 26.83 17.36 -9.77
C ALA B 133 25.95 16.55 -8.81
N GLN B 134 26.52 15.54 -8.17
CA GLN B 134 25.76 14.70 -7.22
C GLN B 134 25.43 15.42 -5.91
N LEU B 135 24.14 15.47 -5.59
CA LEU B 135 23.71 16.03 -4.31
C LEU B 135 22.71 15.11 -3.62
N THR B 136 23.09 14.62 -2.43
CA THR B 136 22.26 13.70 -1.67
C THR B 136 22.00 14.25 -0.26
N VAL B 137 20.80 14.04 0.24
CA VAL B 137 20.40 14.54 1.56
C VAL B 137 19.73 13.41 2.34
N ILE B 138 20.19 13.20 3.57
CA ILE B 138 19.41 12.44 4.53
C ILE B 138 18.97 13.43 5.62
N GLY B 139 17.67 13.67 5.66
CA GLY B 139 17.10 14.70 6.52
C GLY B 139 16.03 15.45 5.75
N SER B 140 15.84 16.72 6.10
CA SER B 140 14.78 17.52 5.50
C SER B 140 15.26 18.17 4.20
N THR B 141 14.33 18.40 3.27
CA THR B 141 14.70 18.94 1.96
C THR B 141 13.53 19.48 1.17
N SER B 142 13.81 20.45 0.30
CA SER B 142 12.89 20.81 -0.77
C SER B 142 12.51 19.55 -1.56
N ILE B 143 11.25 19.49 -1.97
CA ILE B 143 10.74 18.36 -2.72
C ILE B 143 11.19 18.48 -4.19
N GLY B 144 11.26 17.36 -4.89
CA GLY B 144 11.43 17.33 -6.35
C GLY B 144 12.62 18.06 -6.93
N LEU B 145 12.35 19.01 -7.83
CA LEU B 145 13.40 19.75 -8.52
C LEU B 145 13.98 20.86 -7.63
N GLY B 146 13.33 21.12 -6.50
CA GLY B 146 13.79 22.13 -5.56
C GLY B 146 15.17 21.85 -4.99
N ILE B 147 15.93 22.92 -4.79
CA ILE B 147 17.31 22.82 -4.31
C ILE B 147 17.63 23.97 -3.34
N SER B 148 16.58 24.63 -2.84
CA SER B 148 16.70 25.86 -2.04
C SER B 148 16.90 25.60 -0.55
N ASP B 149 16.42 24.44 -0.08
CA ASP B 149 16.46 24.11 1.34
C ASP B 149 16.76 22.64 1.61
N ARG B 150 17.59 22.40 2.62
CA ARG B 150 17.90 21.06 3.09
C ARG B 150 18.62 21.12 4.44
N SER B 151 18.48 20.06 5.23
CA SER B 151 19.29 19.94 6.43
C SER B 151 19.41 18.50 6.87
N GLY B 152 20.59 18.15 7.36
CA GLY B 152 20.84 16.79 7.83
C GLY B 152 22.21 16.40 7.38
N LEU B 153 22.35 15.16 6.89
CA LEU B 153 23.60 14.74 6.28
C LEU B 153 23.53 15.01 4.79
N ILE B 154 24.38 15.92 4.35
CA ILE B 154 24.43 16.31 2.96
C ILE B 154 25.65 15.64 2.35
N ILE B 155 25.49 15.09 1.14
CA ILE B 155 26.62 14.53 0.40
C ILE B 155 26.72 15.27 -0.90
N GLU B 156 27.81 16.02 -1.07
CA GLU B 156 28.12 16.69 -2.33
C GLU B 156 29.40 16.09 -2.90
N ASN B 157 29.34 15.62 -4.14
CA ASN B 157 30.48 14.96 -4.76
C ASN B 157 30.86 13.78 -3.83
N GLY B 158 32.14 13.67 -3.46
CA GLY B 158 32.56 12.61 -2.55
C GLY B 158 32.60 12.95 -1.07
N ASN B 159 32.01 14.08 -0.70
CA ASN B 159 32.07 14.58 0.68
C ASN B 159 30.73 14.56 1.39
N ALA B 160 30.68 13.89 2.53
CA ALA B 160 29.53 13.96 3.44
C ALA B 160 29.79 15.01 4.52
N PHE B 161 28.73 15.71 4.93
CA PHE B 161 28.83 16.68 6.03
C PHE B 161 27.46 16.96 6.60
N GLY B 162 27.42 17.23 7.90
CA GLY B 162 26.20 17.76 8.52
C GLY B 162 26.10 19.22 8.11
N GLY B 163 24.89 19.68 7.83
CA GLY B 163 24.71 21.08 7.47
C GLY B 163 23.28 21.50 7.26
N ILE B 164 23.11 22.81 7.08
CA ILE B 164 21.81 23.43 6.83
C ILE B 164 21.98 24.44 5.68
N VAL B 165 21.04 24.36 4.74
CA VAL B 165 20.93 25.30 3.65
C VAL B 165 19.49 25.80 3.69
N LYS B 166 19.33 27.13 3.64
CA LYS B 166 18.02 27.76 3.59
C LYS B 166 18.00 28.89 2.57
N ALA B 167 16.90 28.98 1.81
CA ALA B 167 16.76 29.97 0.76
C ALA B 167 17.99 30.05 -0.15
N SER B 168 18.49 28.87 -0.54
CA SER B 168 19.61 28.70 -1.49
C SER B 168 20.96 29.17 -0.95
N ALA B 169 21.09 29.24 0.37
CA ALA B 169 22.36 29.60 0.96
C ALA B 169 22.63 28.80 2.22
N ALA B 170 23.85 28.29 2.33
CA ALA B 170 24.31 27.62 3.54
C ALA B 170 24.15 28.57 4.71
N THR B 171 23.67 28.04 5.83
CA THR B 171 23.51 28.84 7.03
C THR B 171 24.48 28.30 8.08
N GLU B 172 24.85 27.03 7.91
CA GLU B 172 25.63 26.28 8.88
C GLU B 172 26.20 25.04 8.18
N THR B 173 27.50 24.79 8.35
CA THR B 173 28.16 23.70 7.62
C THR B 173 29.21 23.00 8.47
N GLY B 174 29.01 21.70 8.71
CA GLY B 174 29.97 20.91 9.46
C GLY B 174 31.22 20.58 8.66
N SER B 175 32.18 19.94 9.31
CA SER B 175 33.39 19.50 8.61
C SER B 175 33.05 18.37 7.65
N THR B 176 33.77 18.28 6.54
CA THR B 176 33.52 17.24 5.54
C THR B 176 34.22 15.93 5.90
N TYR B 177 33.63 14.82 5.47
CA TYR B 177 34.18 13.49 5.60
C TYR B 177 34.20 12.85 4.21
N ALA B 178 35.38 12.48 3.73
CA ALA B 178 35.55 11.92 2.39
C ALA B 178 35.07 10.47 2.32
N LEU B 179 34.08 10.23 1.48
CA LEU B 179 33.53 8.88 1.27
C LEU B 179 34.32 8.09 0.23
N SER B 180 34.13 6.78 0.22
CA SER B 180 34.74 5.91 -0.78
C SER B 180 33.67 5.55 -1.80
N THR B 181 34.08 5.35 -3.04
CA THR B 181 33.18 4.90 -4.11
C THR B 181 32.72 3.47 -3.86
N SER B 182 31.60 3.11 -4.48
CA SER B 182 31.05 1.74 -4.41
C SER B 182 31.04 1.14 -3.01
N THR B 183 30.58 1.92 -2.03
CA THR B 183 30.66 1.50 -0.64
C THR B 183 29.30 1.69 0.04
N TRP B 184 28.88 0.68 0.80
CA TRP B 184 27.67 0.77 1.61
C TRP B 184 27.90 1.53 2.91
N TYR B 185 26.97 2.45 3.19
CA TYR B 185 26.98 3.26 4.41
C TYR B 185 25.61 3.25 5.05
N ILE B 186 25.59 3.66 6.32
CA ILE B 186 24.34 3.84 7.06
C ILE B 186 24.34 5.26 7.66
N CYS B 187 23.21 5.94 7.61
CA CYS B 187 23.09 7.22 8.28
C CYS B 187 21.84 7.20 9.14
N LYS B 188 21.98 7.75 10.34
CA LYS B 188 20.87 7.93 11.24
C LYS B 188 20.69 9.43 11.45
N PHE B 189 19.48 9.91 11.18
CA PHE B 189 19.13 11.30 11.40
C PHE B 189 18.23 11.31 12.63
N LYS B 190 18.57 12.13 13.62
CA LYS B 190 17.77 12.23 14.84
C LYS B 190 17.27 13.66 15.08
N LEU B 192 15.82 16.48 17.35
CA LEU B 192 15.87 16.86 18.76
C LEU B 192 14.64 17.71 19.12
N THR B 193 14.35 17.82 20.42
CA THR B 193 13.09 18.45 20.88
C THR B 193 12.95 19.94 20.60
N ASP B 194 14.06 20.61 20.33
CA ASP B 194 14.05 22.03 19.96
C ASP B 194 14.18 22.20 18.44
N ASP B 195 13.96 21.11 17.71
CA ASP B 195 14.04 21.05 16.24
C ASP B 195 15.45 21.16 15.64
N ARG B 196 16.47 21.03 16.49
CA ARG B 196 17.84 20.79 16.04
C ARG B 196 17.95 19.32 15.63
N PHE B 197 19.08 18.93 15.04
CA PHE B 197 19.28 17.54 14.63
C PHE B 197 20.68 17.02 14.91
N LYS B 198 20.78 15.70 15.08
CA LYS B 198 22.06 15.01 15.04
C LYS B 198 22.04 13.99 13.90
N VAL B 199 23.06 14.03 13.05
CA VAL B 199 23.26 12.97 12.06
C VAL B 199 24.53 12.20 12.37
N THR B 200 24.46 10.89 12.16
CA THR B 200 25.61 10.01 12.37
C THR B 200 25.77 9.16 11.14
N LEU B 201 27.02 9.05 10.68
CA LEU B 201 27.37 8.23 9.53
C LEU B 201 28.14 7.01 10.03
N TYR B 202 27.76 5.85 9.52
CA TYR B 202 28.34 4.58 9.93
C TYR B 202 28.82 3.79 8.74
N SER B 203 29.81 2.92 8.96
CA SER B 203 30.18 1.90 7.99
C SER B 203 29.07 0.87 7.88
N ASP B 204 29.14 0.04 6.85
CA ASP B 204 28.14 -1.03 6.66
C ASP B 204 28.12 -2.06 7.80
N SER B 205 29.20 -2.10 8.59
CA SER B 205 29.25 -2.98 9.75
C SER B 205 28.79 -2.25 11.02
N GLY B 206 28.53 -0.95 10.89
CA GLY B 206 27.93 -0.18 11.97
C GLY B 206 28.89 0.62 12.82
N THR B 207 30.14 0.72 12.38
CA THR B 207 31.15 1.52 13.09
C THR B 207 30.89 3.00 12.78
N GLN B 208 30.74 3.80 13.83
CA GLN B 208 30.52 5.22 13.65
C GLN B 208 31.74 5.89 13.01
N LEU B 209 31.51 6.66 11.96
CA LEU B 209 32.60 7.29 11.20
C LEU B 209 32.61 8.80 11.35
N TYR B 210 31.43 9.39 11.55
CA TYR B 210 31.23 10.83 11.54
C TYR B 210 29.93 11.14 12.24
N SER B 211 29.88 12.27 12.92
CA SER B 211 28.62 12.79 13.45
C SER B 211 28.64 14.31 13.41
N TYR B 212 27.45 14.88 13.31
CA TYR B 212 27.28 16.31 13.38
C TYR B 212 26.00 16.61 14.16
N THR B 213 26.10 17.55 15.10
CA THR B 213 24.93 18.04 15.84
C THR B 213 24.77 19.52 15.52
N SER B 214 23.59 19.89 15.03
CA SER B 214 23.37 21.25 14.54
C SER B 214 23.34 22.24 15.69
N THR B 215 23.70 23.49 15.41
CA THR B 215 23.54 24.59 16.37
C THR B 215 22.14 25.17 16.20
N ALA B 216 21.78 25.48 14.96
CA ALA B 216 20.46 26.02 14.63
C ALA B 216 19.43 24.91 14.39
N ALA B 217 18.16 25.31 14.42
CA ALA B 217 17.04 24.46 14.06
C ALA B 217 17.15 23.98 12.60
N PHE B 219 15.96 22.86 8.73
CA PHE B 219 14.99 23.32 7.77
C PHE B 219 13.69 22.54 8.01
N ARG B 220 12.60 23.28 8.18
CA ARG B 220 11.25 22.72 8.30
C ARG B 220 10.29 23.52 7.43
N ALA B 221 9.51 22.80 6.62
CA ALA B 221 8.29 23.34 6.01
C ALA B 221 7.20 22.28 6.15
N ASP B 222 6.14 22.64 6.87
CA ASP B 222 5.05 21.70 7.16
C ASP B 222 3.96 21.76 6.08
N ASN B 223 4.39 21.53 4.84
CA ASN B 223 3.53 21.49 3.67
C ASN B 223 4.21 20.63 2.58
N ALA B 224 3.57 20.49 1.44
CA ALA B 224 4.06 19.58 0.39
C ALA B 224 5.24 20.09 -0.42
N THR B 225 5.80 21.26 -0.07
CA THR B 225 6.99 21.77 -0.75
C THR B 225 8.25 21.12 -0.20
N ALA B 226 8.08 20.38 0.90
CA ALA B 226 9.20 19.70 1.54
C ALA B 226 8.85 18.29 2.00
N HIS B 227 9.89 17.49 2.22
CA HIS B 227 9.77 16.14 2.78
C HIS B 227 10.97 15.88 3.67
N ILE B 228 10.88 14.83 4.47
CA ILE B 228 12.00 14.40 5.30
C ILE B 228 12.25 12.92 5.04
N GLY B 229 13.52 12.57 4.85
CA GLY B 229 13.91 11.23 4.45
C GLY B 229 15.21 11.22 3.65
N PHE B 230 15.18 10.58 2.49
CA PHE B 230 16.33 10.46 1.59
C PHE B 230 15.99 11.12 0.27
N LYS B 231 16.93 11.90 -0.26
CA LYS B 231 16.80 12.51 -1.58
C LYS B 231 18.15 12.53 -2.28
N THR B 232 18.21 11.96 -3.48
CA THR B 232 19.42 12.03 -4.29
C THR B 232 19.10 12.75 -5.60
N GLN B 233 20.00 13.64 -6.02
CA GLN B 233 19.70 14.62 -7.05
C GLN B 233 20.93 14.89 -7.90
N CYS B 234 20.70 15.20 -9.18
CA CYS B 234 21.77 15.67 -10.07
C CYS B 234 21.54 17.15 -10.36
N LYS B 235 22.54 17.97 -10.06
CA LYS B 235 22.43 19.43 -10.20
C LYS B 235 22.55 19.93 -11.64
N THR B 236 22.94 19.03 -12.56
CA THR B 236 23.22 19.43 -13.94
C THR B 236 22.35 18.71 -14.97
N ALA B 237 22.17 19.35 -16.13
CA ALA B 237 21.40 18.80 -17.23
C ALA B 237 22.23 17.80 -18.05
N THR B 238 22.85 16.84 -17.39
CA THR B 238 23.56 15.78 -18.13
C THR B 238 23.17 14.40 -17.62
N ALA B 239 22.73 13.55 -18.55
CA ALA B 239 22.28 12.20 -18.26
C ALA B 239 23.46 11.28 -17.99
N GLY B 240 23.18 10.16 -17.31
CA GLY B 240 24.14 9.07 -17.21
C GLY B 240 25.08 9.15 -16.04
N ILE B 241 24.85 10.12 -15.15
CA ILE B 241 25.61 10.24 -13.92
C ILE B 241 24.90 9.44 -12.85
N SER B 242 25.60 8.43 -12.31
CA SER B 242 25.03 7.61 -11.24
C SER B 242 24.85 8.49 -10.02
N LEU B 243 23.73 8.29 -9.34
CA LEU B 243 23.51 8.95 -8.06
C LEU B 243 23.63 7.89 -6.97
N ILE B 244 23.13 8.18 -5.77
CA ILE B 244 23.28 7.26 -4.64
C ILE B 244 22.14 6.21 -4.59
N SER B 245 22.50 4.93 -4.52
CA SER B 245 21.53 3.82 -4.45
C SER B 245 20.98 3.69 -3.04
N ILE B 246 19.73 3.24 -2.92
CA ILE B 246 19.10 3.05 -1.60
C ILE B 246 18.58 1.61 -1.43
N ASP B 247 18.96 1.01 -0.31
CA ASP B 247 18.55 -0.34 0.09
C ASP B 247 17.28 -0.27 0.97
N LEU B 248 17.29 0.63 1.94
CA LEU B 248 16.31 0.57 3.02
C LEU B 248 16.22 1.90 3.74
N ILE B 249 14.99 2.26 4.12
CA ILE B 249 14.75 3.44 4.92
C ILE B 249 13.79 3.08 6.04
N GLU B 250 14.02 3.66 7.22
CA GLU B 250 13.17 3.47 8.41
C GLU B 250 12.81 4.82 9.01
N PHE B 251 11.56 4.93 9.47
CA PHE B 251 11.05 6.08 10.21
C PHE B 251 10.51 5.58 11.56
N LYS B 252 10.97 6.16 12.66
CA LYS B 252 10.48 5.84 14.01
C LYS B 252 10.27 7.14 14.79
N ALA B 253 9.09 7.29 15.39
CA ALA B 253 8.79 8.50 16.16
C ALA B 253 7.71 8.28 17.21
N LYS B 254 7.55 9.27 18.08
CA LYS B 254 6.43 9.30 19.03
C LYS B 254 5.34 10.17 18.43
N VAL B 255 4.09 9.79 18.64
CA VAL B 255 2.95 10.54 18.11
C VAL B 255 1.93 10.89 19.20
N SER B 256 1.27 12.04 19.07
CA SER B 256 0.07 12.36 19.85
C SER B 256 -1.14 11.94 19.03
N ALA B 257 -1.70 10.78 19.37
CA ALA B 257 -2.83 10.22 18.65
C ALA B 257 -3.82 9.51 19.56
N THR B 258 -3.87 9.92 20.83
CA THR B 258 -4.81 9.31 21.78
C THR B 258 -6.19 9.95 21.63
N ARG B 259 -7.08 9.23 20.97
CA ARG B 259 -8.42 9.71 20.68
C ARG B 259 -9.47 8.84 21.35
N ALA B 260 -10.72 9.33 21.39
CA ALA B 260 -11.82 8.61 22.01
C ALA B 260 -12.18 7.36 21.21
N LYS B 261 -12.43 6.26 21.93
CA LYS B 261 -12.82 4.99 21.30
C LYS B 261 -14.34 4.82 21.20
N VAL B 262 -14.77 4.12 20.15
CA VAL B 262 -16.18 4.01 19.72
C VAL B 262 -16.87 5.36 19.53
N PRO C 19 -2.85 -17.77 31.27
CA PRO C 19 -3.84 -16.73 31.00
C PRO C 19 -3.63 -16.08 29.63
N LEU C 20 -4.75 -15.79 28.95
CA LEU C 20 -4.72 -15.20 27.63
C LEU C 20 -4.45 -13.71 27.72
N ALA C 21 -3.61 -13.20 26.82
CA ALA C 21 -3.25 -11.77 26.78
C ALA C 21 -4.47 -10.86 26.67
N THR C 22 -4.40 -9.72 27.36
CA THR C 22 -5.50 -8.75 27.39
C THR C 22 -5.00 -7.38 26.95
N GLU C 23 -5.93 -6.43 26.78
CA GLU C 23 -5.62 -5.06 26.43
C GLU C 23 -4.81 -4.33 27.51
N THR C 24 -4.96 -4.77 28.77
CA THR C 24 -4.27 -4.15 29.91
C THR C 24 -3.16 -5.01 30.51
N THR C 25 -3.28 -6.34 30.35
CA THR C 25 -2.33 -7.27 30.96
C THR C 25 -1.79 -8.31 29.95
N PRO C 26 -0.47 -8.60 30.00
CA PRO C 26 0.12 -9.61 29.09
C PRO C 26 -0.35 -11.04 29.35
N GLY C 27 -0.11 -11.92 28.38
CA GLY C 27 -0.50 -13.33 28.45
C GLY C 27 -0.08 -14.08 27.20
N LEU C 28 -0.70 -15.23 26.96
CA LEU C 28 -0.37 -16.01 25.76
C LEU C 28 -1.08 -15.51 24.49
N SER C 30 -3.19 -16.17 21.06
CA SER C 30 -4.23 -17.05 20.53
C SER C 30 -3.92 -17.56 19.12
N PRO C 31 -4.56 -18.67 18.68
CA PRO C 31 -4.38 -19.19 17.31
C PRO C 31 -4.71 -18.16 16.22
N SER C 32 -5.74 -17.35 16.45
CA SER C 32 -6.16 -16.30 15.53
C SER C 32 -5.09 -15.19 15.36
N GLU C 33 -4.40 -14.87 16.45
CA GLU C 33 -3.31 -13.90 16.41
C GLU C 33 -2.06 -14.49 15.75
N LYS C 34 -1.84 -15.80 15.95
CA LYS C 34 -0.71 -16.50 15.34
C LYS C 34 -0.87 -16.54 13.82
N LEU C 35 -2.09 -16.84 13.37
CA LEU C 35 -2.42 -16.86 11.94
C LEU C 35 -2.24 -15.50 11.28
N LYS C 36 -2.80 -14.45 11.90
CA LYS C 36 -2.62 -13.05 11.46
C LYS C 36 -1.16 -12.70 11.22
N LEU C 37 -0.32 -13.08 12.17
CA LEU C 37 1.10 -12.78 12.12
C LEU C 37 1.80 -13.59 11.02
N SER C 38 1.30 -14.79 10.75
CA SER C 38 1.87 -15.66 9.74
C SER C 38 1.71 -15.12 8.31
N THR C 39 0.74 -14.24 8.13
CA THR C 39 0.46 -13.69 6.81
C THR C 39 0.81 -12.19 6.70
N LEU C 40 1.59 -11.70 7.66
CA LEU C 40 2.07 -10.32 7.66
C LEU C 40 3.06 -10.05 6.51
N THR C 41 2.77 -9.00 5.74
CA THR C 41 3.59 -8.58 4.60
C THR C 41 4.95 -8.07 5.07
N THR C 42 6.03 -8.58 4.49
CA THR C 42 7.37 -8.12 4.84
C THR C 42 7.52 -6.63 4.50
N SER C 43 8.03 -5.86 5.46
CA SER C 43 8.47 -4.48 5.20
C SER C 43 9.99 -4.48 5.21
N ILE C 44 10.59 -4.52 6.40
CA ILE C 44 12.04 -4.63 6.51
C ILE C 44 12.42 -6.10 6.72
N ALA C 45 13.19 -6.65 5.77
CA ALA C 45 13.51 -8.07 5.77
C ALA C 45 14.71 -8.41 6.65
N THR C 46 14.72 -9.66 7.16
CA THR C 46 15.91 -10.22 7.82
C THR C 46 16.32 -11.54 7.15
N SER C 47 15.44 -12.54 7.15
CA SER C 47 15.77 -13.82 6.51
C SER C 47 14.59 -14.48 5.80
N ASP C 48 13.39 -13.98 6.06
CA ASP C 48 12.18 -14.50 5.45
C ASP C 48 11.49 -13.40 4.66
N PHE C 49 10.87 -13.76 3.54
CA PHE C 49 10.03 -12.81 2.83
C PHE C 49 8.62 -13.38 2.69
N TYR C 50 7.62 -12.55 2.96
CA TYR C 50 6.23 -12.91 2.75
C TYR C 50 5.44 -11.76 2.13
N ALA C 51 4.59 -12.08 1.15
CA ALA C 51 3.62 -11.13 0.59
C ALA C 51 2.39 -11.87 0.09
N SER C 52 1.22 -11.27 0.26
CA SER C 52 0.00 -11.85 -0.26
C SER C 52 -1.01 -10.76 -0.60
N TYR C 53 -1.89 -11.05 -1.54
CA TYR C 53 -2.98 -10.15 -1.86
C TYR C 53 -4.26 -10.95 -2.14
N ASP C 54 -5.38 -10.48 -1.58
CA ASP C 54 -6.65 -11.22 -1.60
C ASP C 54 -7.71 -10.57 -2.51
N PHE C 55 -7.32 -9.60 -3.30
CA PHE C 55 -8.17 -9.03 -4.36
C PHE C 55 -9.54 -8.52 -3.90
N HIS C 58 -10.91 -1.98 -4.63
CA HIS C 58 -11.36 -1.31 -5.85
C HIS C 58 -10.14 -1.29 -6.79
N SER C 59 -10.29 -1.78 -8.02
CA SER C 59 -9.11 -2.03 -8.87
C SER C 59 -8.82 -1.01 -9.96
N ILE C 60 -9.64 0.03 -10.06
CA ILE C 60 -9.35 1.15 -10.98
C ILE C 60 -8.07 1.86 -10.56
N GLY C 61 -7.06 1.83 -11.44
CA GLY C 61 -5.79 2.50 -11.18
C GLY C 61 -4.95 1.87 -10.10
N LEU C 62 -5.21 0.59 -9.80
CA LEU C 62 -4.51 -0.14 -8.76
C LEU C 62 -3.37 -0.95 -9.37
N THR C 63 -2.13 -0.50 -9.17
CA THR C 63 -1.00 -1.09 -9.85
C THR C 63 -0.11 -1.93 -8.96
N SER C 64 -0.39 -1.91 -7.65
CA SER C 64 0.27 -2.79 -6.70
C SER C 64 -0.45 -2.85 -5.37
N ALA C 65 -0.15 -3.88 -4.58
CA ALA C 65 -0.67 -4.05 -3.22
C ALA C 65 0.21 -5.06 -2.48
N ASN C 66 0.55 -4.76 -1.24
CA ASN C 66 1.37 -5.64 -0.39
C ASN C 66 2.62 -6.20 -1.10
N ASN C 67 3.37 -5.31 -1.75
CA ASN C 67 4.62 -5.64 -2.49
C ASN C 67 4.43 -6.21 -3.90
N ILE C 68 3.20 -6.59 -4.23
CA ILE C 68 2.89 -7.34 -5.46
C ILE C 68 2.43 -6.40 -6.55
N SER C 69 3.05 -6.54 -7.74
CA SER C 69 2.67 -5.77 -8.93
C SER C 69 1.35 -6.26 -9.47
N LEU C 70 0.47 -5.34 -9.86
CA LEU C 70 -0.83 -5.70 -10.41
C LEU C 70 -0.97 -5.00 -11.75
N LEU C 71 -0.59 -5.71 -12.80
CA LEU C 71 -0.27 -5.07 -14.05
C LEU C 71 -1.27 -5.39 -15.12
N SER C 72 -1.91 -4.33 -15.62
CA SER C 72 -2.83 -4.42 -16.74
C SER C 72 -2.16 -3.91 -18.01
N THR C 73 -2.34 -4.65 -19.10
CA THR C 73 -1.90 -4.21 -20.43
C THR C 73 -3.00 -4.45 -21.47
N GLY C 74 -2.93 -3.71 -22.58
CA GLY C 74 -3.83 -3.90 -23.71
C GLY C 74 -5.30 -3.61 -23.43
N ASN C 75 -5.55 -2.72 -22.47
CA ASN C 75 -6.90 -2.37 -22.02
C ASN C 75 -7.72 -3.59 -21.60
N ILE C 76 -7.06 -4.53 -20.92
CA ILE C 76 -7.71 -5.70 -20.34
C ILE C 76 -8.87 -5.24 -19.47
N SER C 77 -9.96 -5.99 -19.48
CA SER C 77 -11.15 -5.58 -18.77
C SER C 77 -11.21 -6.25 -17.39
N LEU C 78 -10.83 -5.51 -16.36
CA LEU C 78 -11.00 -6.01 -15.00
C LEU C 78 -12.44 -5.80 -14.61
N GLN C 79 -13.16 -6.89 -14.36
CA GLN C 79 -14.57 -6.84 -13.98
C GLN C 79 -14.73 -6.43 -12.51
N ASN C 80 -15.97 -6.24 -12.08
CA ASN C 80 -16.24 -5.91 -10.68
C ASN C 80 -15.76 -6.98 -9.72
N ILE C 81 -15.15 -6.54 -8.63
CA ILE C 81 -14.78 -7.42 -7.52
C ILE C 81 -16.02 -8.08 -6.94
N LEU C 82 -15.90 -9.37 -6.67
CA LEU C 82 -16.95 -10.11 -6.02
C LEU C 82 -16.34 -11.02 -4.95
N SER C 83 -17.19 -11.68 -4.17
CA SER C 83 -16.76 -12.82 -3.37
C SER C 83 -17.70 -13.99 -3.65
N GLU C 84 -17.19 -15.21 -3.57
CA GLU C 84 -18.06 -16.39 -3.63
C GLU C 84 -17.66 -17.50 -2.67
N GLY C 85 -18.61 -17.93 -1.86
CA GLY C 85 -18.34 -18.92 -0.82
C GLY C 85 -17.23 -18.41 0.06
N ASN C 86 -16.18 -19.22 0.20
CA ASN C 86 -15.04 -18.85 1.05
C ASN C 86 -14.00 -18.02 0.31
N HIS C 87 -14.24 -17.76 -0.97
CA HIS C 87 -13.34 -16.97 -1.79
C HIS C 87 -13.65 -15.49 -1.65
N PHE C 88 -12.96 -14.85 -0.70
CA PHE C 88 -13.20 -13.46 -0.33
C PHE C 88 -12.38 -12.58 -1.24
N GLY C 89 -13.03 -11.74 -2.04
CA GLY C 89 -12.35 -10.83 -2.95
C GLY C 89 -11.86 -11.60 -4.16
N VAL C 90 -12.57 -11.47 -5.27
CA VAL C 90 -12.23 -12.19 -6.50
C VAL C 90 -12.20 -11.18 -7.64
N GLN C 91 -11.12 -11.21 -8.42
CA GLN C 91 -10.98 -10.35 -9.60
C GLN C 91 -11.21 -11.15 -10.88
N PRO C 92 -12.42 -11.04 -11.48
CA PRO C 92 -12.68 -11.64 -12.79
C PRO C 92 -12.09 -10.76 -13.89
N ILE C 93 -11.67 -11.41 -14.97
CA ILE C 93 -10.90 -10.74 -16.02
C ILE C 93 -11.46 -11.10 -17.40
N VAL C 94 -11.65 -10.09 -18.25
CA VAL C 94 -12.24 -10.29 -19.57
C VAL C 94 -11.37 -9.63 -20.66
N SER C 95 -11.28 -10.31 -21.80
CA SER C 95 -10.48 -9.83 -22.93
C SER C 95 -11.03 -8.52 -23.53
N SER C 96 -10.17 -7.84 -24.27
CA SER C 96 -10.53 -6.61 -24.97
C SER C 96 -10.36 -6.79 -26.47
N THR C 97 -10.40 -5.68 -27.20
CA THR C 97 -10.21 -5.68 -28.65
C THR C 97 -8.74 -5.56 -29.04
N THR C 98 -7.85 -5.67 -28.06
CA THR C 98 -6.40 -5.66 -28.29
C THR C 98 -5.85 -7.05 -28.04
N ALA C 99 -5.13 -7.60 -29.02
CA ALA C 99 -4.50 -8.90 -28.90
C ALA C 99 -3.39 -8.87 -27.86
N ASN C 100 -3.27 -9.95 -27.11
CA ASN C 100 -2.26 -10.10 -26.05
C ASN C 100 -2.51 -9.30 -24.76
N ALA C 101 -3.67 -8.65 -24.66
CA ALA C 101 -4.07 -7.99 -23.42
C ALA C 101 -3.96 -8.99 -22.28
N SER C 102 -3.48 -8.53 -21.13
CA SER C 102 -3.23 -9.42 -20.01
C SER C 102 -3.37 -8.75 -18.65
N PHE C 103 -3.58 -9.56 -17.62
CA PHE C 103 -3.43 -9.10 -16.26
C PHE C 103 -2.39 -9.95 -15.57
N LEU C 104 -1.49 -9.30 -14.84
CA LEU C 104 -0.39 -9.99 -14.19
C LEU C 104 -0.32 -9.58 -12.72
N ALA C 105 -0.40 -10.57 -11.83
CA ALA C 105 -0.10 -10.34 -10.42
C ALA C 105 1.22 -11.03 -10.09
N GLY C 106 2.27 -10.25 -9.89
CA GLY C 106 3.59 -10.82 -9.74
C GLY C 106 4.62 -9.94 -9.08
N LEU C 108 9.26 -9.18 -9.14
CA LEU C 108 10.51 -9.28 -9.90
C LEU C 108 11.30 -10.52 -9.51
N ALA C 110 14.68 -10.86 -9.78
CA ALA C 110 16.00 -10.50 -9.26
C ALA C 110 16.13 -10.68 -7.74
N ILE C 111 15.01 -10.48 -7.03
CA ILE C 111 15.00 -10.57 -5.58
C ILE C 111 14.75 -11.99 -5.08
N PHE C 112 14.45 -12.91 -6.01
CA PHE C 112 14.24 -14.31 -5.66
C PHE C 112 15.21 -15.18 -6.47
N PRO C 113 16.51 -15.15 -6.09
CA PRO C 113 17.44 -16.03 -6.80
C PRO C 113 17.14 -17.49 -6.42
N LYS C 114 17.69 -18.44 -7.16
CA LYS C 114 17.38 -19.87 -6.97
C LYS C 114 17.49 -20.36 -5.51
N GLU C 115 18.47 -19.83 -4.79
CA GLU C 115 18.67 -20.24 -3.38
C GLU C 115 17.58 -19.72 -2.42
N SER C 116 16.73 -18.81 -2.90
CA SER C 116 15.59 -18.31 -2.11
C SER C 116 14.46 -19.33 -2.01
N GLU C 117 14.44 -20.30 -2.94
CA GLU C 117 13.42 -21.35 -2.99
C GLU C 117 12.01 -20.77 -2.85
N LEU C 118 11.76 -19.72 -3.64
CA LEU C 118 10.47 -19.05 -3.68
C LEU C 118 9.34 -20.04 -3.90
N GLU C 119 8.27 -19.83 -3.13
CA GLU C 119 7.04 -20.58 -3.27
C GLU C 119 5.92 -19.60 -3.59
N VAL C 120 5.19 -19.86 -4.67
CA VAL C 120 4.07 -19.02 -5.06
C VAL C 120 2.79 -19.86 -5.08
N THR C 121 1.77 -19.42 -4.35
CA THR C 121 0.49 -20.11 -4.31
C THR C 121 -0.61 -19.21 -4.86
N VAL C 122 -1.43 -19.76 -5.75
CA VAL C 122 -2.50 -19.00 -6.43
C VAL C 122 -3.84 -19.74 -6.33
N TYR C 123 -4.85 -19.03 -5.85
CA TYR C 123 -6.22 -19.55 -5.82
C TYR C 123 -6.96 -18.89 -6.97
N PHE C 124 -7.43 -19.70 -7.91
CA PHE C 124 -7.98 -19.19 -9.17
C PHE C 124 -9.16 -20.00 -9.65
N LYS C 125 -10.03 -19.33 -10.43
CA LYS C 125 -11.23 -19.95 -10.96
C LYS C 125 -11.21 -19.94 -12.48
N THR C 126 -11.43 -21.11 -13.08
CA THR C 126 -11.56 -21.20 -14.52
C THR C 126 -12.80 -20.40 -15.00
N PRO C 127 -12.73 -19.85 -16.22
CA PRO C 127 -13.88 -19.12 -16.79
C PRO C 127 -15.08 -20.06 -17.03
N SER C 128 -16.24 -19.49 -17.30
CA SER C 128 -17.44 -20.30 -17.54
C SER C 128 -17.48 -20.98 -18.92
N ALA C 129 -16.61 -20.53 -19.83
CA ALA C 129 -16.37 -21.18 -21.11
C ALA C 129 -14.88 -21.12 -21.39
N PHE C 130 -14.30 -22.26 -21.78
CA PHE C 130 -12.94 -22.27 -22.31
C PHE C 130 -12.92 -21.71 -23.74
N ASN C 131 -11.77 -21.21 -24.15
CA ASN C 131 -11.59 -20.64 -25.47
C ASN C 131 -10.12 -20.84 -25.85
N PRO C 132 -9.83 -21.25 -27.10
CA PRO C 132 -8.45 -21.42 -27.53
C PRO C 132 -7.56 -20.17 -27.39
N ALA C 133 -8.19 -19.00 -27.23
CA ALA C 133 -7.47 -17.73 -27.06
C ALA C 133 -6.93 -17.51 -25.63
N GLN C 134 -7.40 -18.34 -24.69
CA GLN C 134 -6.99 -18.22 -23.29
C GLN C 134 -5.60 -18.81 -23.02
N LEU C 135 -4.73 -17.99 -22.43
CA LEU C 135 -3.40 -18.42 -21.99
C LEU C 135 -3.13 -17.85 -20.60
N THR C 136 -2.94 -18.75 -19.64
CA THR C 136 -2.63 -18.38 -18.27
C THR C 136 -1.37 -19.13 -17.82
N VAL C 137 -0.54 -18.46 -17.01
CA VAL C 137 0.66 -19.06 -16.44
C VAL C 137 0.75 -18.78 -14.94
N ILE C 138 1.06 -19.82 -14.16
CA ILE C 138 1.50 -19.65 -12.79
C ILE C 138 2.99 -20.03 -12.78
N GLY C 139 3.84 -19.02 -12.68
CA GLY C 139 5.29 -19.18 -12.79
C GLY C 139 5.92 -17.91 -13.33
N SER C 140 7.04 -18.06 -14.03
CA SER C 140 7.74 -16.94 -14.64
C SER C 140 7.18 -16.66 -16.03
N THR C 141 7.28 -15.41 -16.46
CA THR C 141 6.68 -14.98 -17.72
C THR C 141 7.23 -13.65 -18.20
N SER C 142 7.25 -13.47 -19.52
CA SER C 142 7.43 -12.15 -20.11
C SER C 142 6.34 -11.27 -19.54
N ILE C 143 6.68 -10.02 -19.27
CA ILE C 143 5.74 -9.01 -18.79
C ILE C 143 4.80 -8.52 -19.91
N GLY C 144 3.66 -7.96 -19.52
CA GLY C 144 2.80 -7.20 -20.43
C GLY C 144 2.23 -7.93 -21.63
N LEU C 145 2.40 -7.33 -22.81
CA LEU C 145 1.84 -7.88 -24.04
C LEU C 145 2.69 -9.01 -24.60
N GLY C 146 3.86 -9.24 -23.98
CA GLY C 146 4.78 -10.30 -24.38
C GLY C 146 4.20 -11.68 -24.19
N ILE C 147 4.64 -12.62 -25.04
CA ILE C 147 4.06 -13.96 -25.07
C ILE C 147 5.11 -15.04 -25.42
N SER C 148 6.37 -14.64 -25.44
CA SER C 148 7.47 -15.46 -25.96
C SER C 148 8.13 -16.36 -24.93
N ASP C 149 7.99 -16.03 -23.65
CA ASP C 149 8.68 -16.77 -22.58
C ASP C 149 7.80 -17.03 -21.36
N ARG C 150 7.84 -18.25 -20.86
CA ARG C 150 7.12 -18.63 -19.65
C ARG C 150 7.59 -19.99 -19.14
N SER C 151 7.34 -20.23 -17.85
CA SER C 151 7.74 -21.46 -17.20
C SER C 151 6.93 -21.66 -15.92
N GLY C 152 6.27 -22.81 -15.82
CA GLY C 152 5.44 -23.12 -14.64
C GLY C 152 4.24 -23.95 -15.04
N LEU C 153 3.11 -23.74 -14.35
CA LEU C 153 1.87 -24.37 -14.80
C LEU C 153 1.22 -23.48 -15.85
N ILE C 154 1.12 -24.01 -17.06
CA ILE C 154 0.54 -23.26 -18.18
C ILE C 154 -0.85 -23.80 -18.46
N ILE C 155 -1.80 -22.90 -18.72
CA ILE C 155 -3.15 -23.30 -19.05
C ILE C 155 -3.52 -22.70 -20.40
N GLU C 156 -3.64 -23.55 -21.42
CA GLU C 156 -4.12 -23.14 -22.73
C GLU C 156 -5.48 -23.76 -22.98
N ASN C 157 -6.49 -22.93 -23.20
CA ASN C 157 -7.85 -23.41 -23.37
C ASN C 157 -8.22 -24.18 -22.09
N GLY C 158 -8.73 -25.40 -22.21
CA GLY C 158 -9.13 -26.15 -21.03
C GLY C 158 -8.08 -27.10 -20.48
N ASN C 159 -6.83 -26.96 -20.96
CA ASN C 159 -5.75 -27.88 -20.62
C ASN C 159 -4.65 -27.24 -19.78
N ALA C 160 -4.35 -27.87 -18.64
CA ALA C 160 -3.24 -27.46 -17.79
C ALA C 160 -2.06 -28.42 -17.96
N PHE C 161 -0.85 -27.88 -17.92
CA PHE C 161 0.36 -28.68 -18.04
C PHE C 161 1.54 -27.88 -17.55
N GLY C 162 2.52 -28.58 -17.00
CA GLY C 162 3.80 -27.99 -16.68
C GLY C 162 4.58 -27.87 -17.97
N GLY C 163 5.38 -26.82 -18.07
CA GLY C 163 6.16 -26.60 -19.28
C GLY C 163 7.08 -25.41 -19.24
N ILE C 164 7.96 -25.34 -20.24
CA ILE C 164 8.83 -24.21 -20.45
C ILE C 164 8.67 -23.78 -21.90
N VAL C 165 8.53 -22.47 -22.10
CA VAL C 165 8.49 -21.85 -23.42
C VAL C 165 9.57 -20.78 -23.43
N LYS C 166 10.45 -20.85 -24.43
CA LYS C 166 11.53 -19.89 -24.58
C LYS C 166 11.62 -19.45 -26.03
N ALA C 167 11.65 -18.14 -26.24
CA ALA C 167 11.61 -17.57 -27.58
C ALA C 167 10.49 -18.20 -28.42
N SER C 168 9.35 -18.41 -27.77
CA SER C 168 8.12 -18.92 -28.39
C SER C 168 8.15 -20.41 -28.76
N ALA C 169 9.20 -21.13 -28.36
CA ALA C 169 9.30 -22.57 -28.60
C ALA C 169 9.06 -23.36 -27.33
N ALA C 170 8.31 -24.44 -27.42
CA ALA C 170 8.12 -25.34 -26.28
C ALA C 170 9.36 -26.19 -26.13
N THR C 171 10.18 -25.86 -25.13
CA THR C 171 11.42 -26.61 -24.89
C THR C 171 11.17 -27.87 -24.04
N GLU C 172 10.07 -27.85 -23.31
CA GLU C 172 9.75 -28.90 -22.35
C GLU C 172 8.26 -28.83 -22.04
N THR C 173 7.57 -29.96 -22.11
CA THR C 173 6.12 -29.99 -21.90
C THR C 173 5.70 -31.27 -21.19
N GLY C 174 5.06 -31.11 -20.03
CA GLY C 174 4.52 -32.26 -19.31
C GLY C 174 3.22 -32.76 -19.90
N SER C 175 2.68 -33.82 -19.31
CA SER C 175 1.37 -34.33 -19.71
C SER C 175 0.29 -33.32 -19.31
N THR C 176 -0.85 -33.37 -19.96
CA THR C 176 -1.88 -32.38 -19.68
C THR C 176 -2.93 -32.91 -18.70
N TYR C 177 -3.46 -32.00 -17.89
CA TYR C 177 -4.60 -32.29 -17.05
C TYR C 177 -5.75 -31.44 -17.59
N ALA C 178 -6.86 -32.07 -17.98
CA ALA C 178 -8.02 -31.34 -18.50
C ALA C 178 -8.89 -30.76 -17.38
N LEU C 179 -9.10 -29.45 -17.43
CA LEU C 179 -9.82 -28.74 -16.36
C LEU C 179 -11.32 -28.64 -16.66
N SER C 180 -12.08 -28.24 -15.65
CA SER C 180 -13.50 -27.98 -15.82
C SER C 180 -13.75 -26.47 -15.76
N THR C 181 -14.77 -26.00 -16.48
CA THR C 181 -15.19 -24.60 -16.44
C THR C 181 -15.77 -24.26 -15.05
N SER C 182 -15.78 -22.96 -14.72
CA SER C 182 -16.35 -22.45 -13.46
C SER C 182 -15.97 -23.27 -12.23
N THR C 183 -14.67 -23.55 -12.09
CA THR C 183 -14.17 -24.39 -11.00
C THR C 183 -12.99 -23.72 -10.32
N TRP C 184 -12.96 -23.81 -8.99
CA TRP C 184 -11.86 -23.26 -8.19
C TRP C 184 -10.73 -24.26 -8.05
N TYR C 185 -9.50 -23.79 -8.29
CA TYR C 185 -8.29 -24.62 -8.26
C TYR C 185 -7.23 -23.91 -7.43
N ILE C 186 -6.25 -24.66 -6.95
CA ILE C 186 -5.09 -24.07 -6.28
C ILE C 186 -3.83 -24.55 -7.02
N CYS C 187 -2.88 -23.65 -7.23
CA CYS C 187 -1.59 -24.05 -7.79
C CYS C 187 -0.45 -23.53 -6.94
N LYS C 188 0.48 -24.42 -6.61
CA LYS C 188 1.73 -24.05 -5.98
C LYS C 188 2.89 -24.22 -6.96
N PHE C 189 3.68 -23.16 -7.11
CA PHE C 189 4.88 -23.17 -7.91
C PHE C 189 6.06 -23.14 -6.91
N LYS C 190 7.02 -24.05 -7.08
CA LYS C 190 8.14 -24.15 -6.14
C LYS C 190 9.48 -24.05 -6.87
N LEU C 192 13.30 -24.49 -7.17
CA LEU C 192 14.25 -25.45 -6.64
C LEU C 192 15.64 -24.80 -6.62
N THR C 193 16.54 -25.35 -5.82
CA THR C 193 17.86 -24.74 -5.57
C THR C 193 18.78 -24.69 -6.81
N ASP C 194 18.45 -25.47 -7.84
CA ASP C 194 19.16 -25.43 -9.13
C ASP C 194 18.41 -24.64 -10.21
N ASP C 195 17.36 -23.93 -9.79
CA ASP C 195 16.53 -23.07 -10.66
C ASP C 195 15.55 -23.85 -11.54
N ARG C 196 15.46 -25.16 -11.30
CA ARG C 196 14.35 -25.93 -11.84
C ARG C 196 13.13 -25.56 -11.03
N PHE C 197 11.97 -26.09 -11.42
CA PHE C 197 10.72 -25.81 -10.70
C PHE C 197 9.83 -27.04 -10.59
N LYS C 198 8.97 -27.01 -9.60
CA LYS C 198 7.90 -27.97 -9.47
C LYS C 198 6.59 -27.20 -9.37
N VAL C 199 5.59 -27.62 -10.17
CA VAL C 199 4.24 -27.07 -10.04
C VAL C 199 3.27 -28.16 -9.62
N THR C 200 2.34 -27.80 -8.74
CA THR C 200 1.31 -28.73 -8.30
C THR C 200 -0.04 -28.06 -8.38
N LEU C 201 -0.98 -28.72 -9.04
CA LEU C 201 -2.37 -28.28 -9.10
C LEU C 201 -3.22 -29.10 -8.13
N TYR C 202 -4.07 -28.40 -7.37
CA TYR C 202 -4.95 -29.01 -6.39
C TYR C 202 -6.40 -28.64 -6.67
N SER C 203 -7.31 -29.42 -6.13
CA SER C 203 -8.72 -29.05 -6.09
C SER C 203 -8.90 -27.95 -5.04
N ASP C 204 -10.10 -27.39 -4.97
CA ASP C 204 -10.41 -26.34 -3.99
C ASP C 204 -10.36 -26.81 -2.53
N SER C 205 -10.34 -28.13 -2.31
CA SER C 205 -10.15 -28.67 -0.96
C SER C 205 -8.72 -29.13 -0.67
N GLY C 206 -7.79 -28.80 -1.58
CA GLY C 206 -6.37 -29.11 -1.39
C GLY C 206 -5.93 -30.51 -1.76
N THR C 207 -6.78 -31.23 -2.49
CA THR C 207 -6.46 -32.57 -2.96
C THR C 207 -5.57 -32.47 -4.20
N GLN C 208 -4.43 -33.16 -4.20
CA GLN C 208 -3.52 -33.07 -5.35
C GLN C 208 -4.13 -33.70 -6.60
N LEU C 209 -4.13 -32.94 -7.69
CA LEU C 209 -4.72 -33.35 -8.96
C LEU C 209 -3.65 -33.63 -10.02
N TYR C 210 -2.57 -32.86 -9.96
CA TYR C 210 -1.53 -32.91 -10.98
C TYR C 210 -0.26 -32.31 -10.40
N SER C 211 0.90 -32.85 -10.78
CA SER C 211 2.17 -32.17 -10.53
C SER C 211 3.18 -32.41 -11.65
N TYR C 212 4.07 -31.44 -11.84
CA TYR C 212 5.15 -31.54 -12.81
C TYR C 212 6.42 -30.95 -12.22
N THR C 213 7.53 -31.69 -12.34
CA THR C 213 8.86 -31.18 -11.99
C THR C 213 9.70 -31.04 -13.27
N SER C 214 10.23 -29.84 -13.49
CA SER C 214 11.01 -29.57 -14.70
C SER C 214 12.34 -30.35 -14.77
N THR C 215 12.80 -30.59 -16.00
CA THR C 215 14.12 -31.17 -16.24
C THR C 215 15.13 -30.04 -16.35
N ALA C 216 14.80 -29.02 -17.14
CA ALA C 216 15.66 -27.88 -17.33
C ALA C 216 15.28 -26.74 -16.39
N ALA C 217 16.17 -25.76 -16.25
CA ALA C 217 15.93 -24.59 -15.41
C ALA C 217 14.80 -23.74 -15.97
N PHE C 219 12.49 -20.46 -17.08
CA PHE C 219 12.75 -19.16 -17.71
C PHE C 219 13.00 -18.11 -16.62
N ARG C 220 14.08 -17.34 -16.78
CA ARG C 220 14.43 -16.31 -15.83
C ARG C 220 15.00 -15.10 -16.56
N ALA C 221 14.51 -13.92 -16.18
CA ALA C 221 15.15 -12.65 -16.52
C ALA C 221 15.12 -11.79 -15.27
N ASP C 222 16.30 -11.44 -14.77
CA ASP C 222 16.43 -10.65 -13.55
C ASP C 222 16.36 -9.14 -13.83
N ASN C 223 15.29 -8.75 -14.51
CA ASN C 223 15.02 -7.35 -14.84
C ASN C 223 13.51 -7.19 -15.02
N ALA C 224 13.06 -6.00 -15.42
CA ALA C 224 11.62 -5.73 -15.50
C ALA C 224 10.96 -6.16 -16.81
N THR C 225 11.68 -6.91 -17.66
CA THR C 225 11.05 -7.55 -18.83
C THR C 225 10.27 -8.80 -18.43
N ALA C 226 10.52 -9.28 -17.21
CA ALA C 226 9.83 -10.46 -16.71
C ALA C 226 9.25 -10.23 -15.32
N HIS C 227 8.33 -11.12 -14.91
CA HIS C 227 7.82 -11.17 -13.55
C HIS C 227 7.54 -12.63 -13.21
N ILE C 228 7.39 -12.93 -11.92
CA ILE C 228 6.99 -14.27 -11.48
C ILE C 228 5.69 -14.19 -10.66
N GLY C 229 4.72 -15.04 -10.98
CA GLY C 229 3.43 -15.02 -10.30
C GLY C 229 2.30 -15.59 -11.14
N PHE C 230 1.25 -14.80 -11.32
CA PHE C 230 0.06 -15.20 -12.09
C PHE C 230 -0.13 -14.23 -13.24
N LYS C 231 -0.33 -14.79 -14.44
CA LYS C 231 -0.64 -13.97 -15.60
C LYS C 231 -1.71 -14.66 -16.44
N THR C 232 -2.77 -13.94 -16.77
CA THR C 232 -3.78 -14.47 -17.67
C THR C 232 -3.92 -13.51 -18.85
N GLN C 233 -4.14 -14.06 -20.03
CA GLN C 233 -3.95 -13.34 -21.28
C GLN C 233 -4.89 -13.84 -22.37
N CYS C 234 -5.28 -12.93 -23.26
CA CYS C 234 -6.03 -13.30 -24.46
C CYS C 234 -5.15 -13.11 -25.68
N LYS C 235 -5.01 -14.17 -26.48
CA LYS C 235 -4.12 -14.18 -27.63
C LYS C 235 -4.72 -13.51 -28.86
N THR C 236 -6.03 -13.28 -28.85
CA THR C 236 -6.73 -12.68 -29.99
C THR C 236 -7.27 -11.29 -29.66
N ALA C 237 -7.70 -10.59 -30.71
CA ALA C 237 -8.22 -9.25 -30.59
C ALA C 237 -9.75 -9.22 -30.50
N THR C 238 -10.34 -10.27 -29.89
CA THR C 238 -11.79 -10.24 -29.69
C THR C 238 -12.16 -10.06 -28.21
N ALA C 239 -13.03 -9.08 -27.94
CA ALA C 239 -13.42 -8.75 -26.58
C ALA C 239 -14.51 -9.69 -26.06
N GLY C 240 -14.68 -9.73 -24.75
CA GLY C 240 -15.77 -10.49 -24.13
C GLY C 240 -15.43 -11.93 -23.76
N ILE C 241 -14.21 -12.35 -24.08
CA ILE C 241 -13.74 -13.68 -23.70
C ILE C 241 -13.28 -13.63 -22.24
N SER C 242 -13.89 -14.46 -21.40
CA SER C 242 -13.49 -14.57 -20.00
C SER C 242 -12.11 -15.23 -19.90
N LEU C 243 -11.27 -14.68 -19.03
CA LEU C 243 -9.98 -15.28 -18.70
C LEU C 243 -10.08 -15.88 -17.29
N ILE C 244 -8.96 -16.23 -16.69
CA ILE C 244 -9.00 -16.87 -15.39
C ILE C 244 -9.16 -15.83 -14.25
N SER C 245 -10.11 -16.04 -13.36
CA SER C 245 -10.34 -15.15 -12.22
C SER C 245 -9.35 -15.44 -11.10
N ILE C 246 -8.99 -14.43 -10.32
CA ILE C 246 -8.06 -14.63 -9.20
C ILE C 246 -8.64 -14.17 -7.85
N ASP C 247 -8.54 -15.06 -6.87
CA ASP C 247 -8.99 -14.84 -5.50
C ASP C 247 -7.79 -14.37 -4.65
N LEU C 248 -6.65 -15.04 -4.79
CA LEU C 248 -5.60 -14.93 -3.81
C LEU C 248 -4.26 -15.38 -4.39
N ILE C 249 -3.21 -14.62 -4.09
CA ILE C 249 -1.85 -15.01 -4.41
C ILE C 249 -0.98 -14.85 -3.17
N GLU C 250 -0.01 -15.74 -3.00
CA GLU C 250 0.93 -15.68 -1.87
C GLU C 250 2.36 -15.93 -2.35
N PHE C 251 3.29 -15.12 -1.86
CA PHE C 251 4.73 -15.28 -2.12
C PHE C 251 5.47 -15.56 -0.81
N LYS C 252 6.29 -16.61 -0.79
CA LYS C 252 7.21 -16.83 0.34
C LYS C 252 8.58 -17.38 -0.08
N ALA C 253 9.62 -16.80 0.52
CA ALA C 253 11.00 -17.12 0.15
C ALA C 253 11.96 -16.94 1.32
N LYS C 254 13.14 -17.55 1.22
CA LYS C 254 14.22 -17.30 2.16
C LYS C 254 15.15 -16.27 1.56
N VAL C 255 15.50 -15.24 2.33
CA VAL C 255 16.34 -14.15 1.81
C VAL C 255 17.53 -13.86 2.73
N SER C 256 18.55 -13.23 2.16
CA SER C 256 19.69 -12.73 2.93
C SER C 256 19.48 -11.25 3.10
N ALA C 257 19.14 -10.84 4.32
CA ALA C 257 18.86 -9.43 4.60
C ALA C 257 19.30 -9.03 5.99
N THR C 258 20.39 -9.64 6.45
CA THR C 258 20.98 -9.30 7.75
C THR C 258 21.87 -8.08 7.63
N ARG C 259 21.39 -6.98 8.22
CA ARG C 259 22.08 -5.70 8.16
C ARG C 259 22.42 -5.22 9.56
N ALA C 260 23.47 -4.39 9.65
CA ALA C 260 23.91 -3.83 10.91
C ALA C 260 22.82 -2.93 11.48
N LYS C 261 22.56 -3.08 12.78
CA LYS C 261 21.63 -2.20 13.47
C LYS C 261 22.41 -1.05 14.13
N VAL C 262 21.88 0.16 14.03
CA VAL C 262 22.55 1.34 14.57
C VAL C 262 21.67 2.12 15.56
#